data_8HON
#
_entry.id   8HON
#
_cell.length_a   58.673
_cell.length_b   148.281
_cell.length_c   64.703
_cell.angle_alpha   90.00
_cell.angle_beta   99.90
_cell.angle_gamma   90.00
#
_symmetry.space_group_name_H-M   'P 1 21 1'
#
loop_
_entity.id
_entity.type
_entity.pdbx_description
1 polymer 'Bifunctional cytochrome P450/NADPH--P450 reductase'
2 polymer Im-C6-Tyr-Tyr
3 non-polymer 'PROTOPORPHYRIN IX CONTAINING FE'
4 water water
#
loop_
_entity_poly.entity_id
_entity_poly.type
_entity_poly.pdbx_seq_one_letter_code
_entity_poly.pdbx_strand_id
1 'polypeptide(L)'
;GMTIKEMPQPKTFGELKNLPLLNTDKPVQALMKIADELGEIFKFEAPGRVTRYLSSQRLIKEACDESRFDKNLSQALKFV
RDFAGDGLATSWTHEKNWKKAHNILLPSFSQQAMKGYHAMMVDIAVQLVQKWERLNADEHIEVPEDMTRLTLDTIGLCGF
NYRFNSFYRDQPHPFITSMVRALDEAMNKLQRANPDDPAYDENKRQFQEDIKVMNDLVDKIIADRKASGEQSDDLLTHML
NGKDPETGEPLDDENIRYQIITFLIAGHETTSGLLSFALYFLVKNPHVLQKAAEEAARVLVDPVPSYKQVKQLKYVGMVL
NEALRLWPTAPAFSLYAKEDTVLGGEYPLEKGDELMVLIPQLHRDKTIWGDDVEEFRPERFENPSAIPQHAFKPFGNGQR
ACIGQQFALHEATLVLGMMLKHFDFEDHTNYELDIKETLTLKPEGFVVKAKSKKIPLLEHHHHHH
;
A,B
2 'polypeptide(L)' (I7X)YY C,D
#
# COMPACT_ATOMS: atom_id res chain seq x y z
N LYS A 5 -11.72 33.29 -2.78
CA LYS A 5 -11.57 33.60 -4.21
C LYS A 5 -10.31 34.43 -4.44
N GLU A 6 -10.26 35.62 -3.83
CA GLU A 6 -9.03 36.40 -3.82
C GLU A 6 -8.08 35.82 -2.78
N MET A 7 -6.84 35.56 -3.20
CA MET A 7 -5.97 34.76 -2.34
C MET A 7 -5.10 35.67 -1.50
N PRO A 8 -5.02 35.47 -0.18
CA PRO A 8 -4.19 36.35 0.65
C PRO A 8 -2.72 36.28 0.26
N GLN A 9 -2.00 37.35 0.59
CA GLN A 9 -0.60 37.51 0.24
C GLN A 9 0.03 38.38 1.33
N PRO A 10 1.25 38.05 1.77
CA PRO A 10 1.92 38.85 2.80
C PRO A 10 2.50 40.13 2.18
N LYS A 11 3.13 40.94 3.04
CA LYS A 11 3.62 42.26 2.64
C LYS A 11 4.70 42.15 1.57
N THR A 12 4.78 43.18 0.73
CA THR A 12 5.64 43.21 -0.45
C THR A 12 6.70 44.29 -0.32
N PHE A 13 7.71 44.19 -1.18
CA PHE A 13 8.90 45.04 -1.12
C PHE A 13 9.17 45.61 -2.51
N GLY A 14 8.19 46.34 -3.04
CA GLY A 14 8.36 46.97 -4.34
C GLY A 14 8.54 45.92 -5.43
N GLU A 15 9.64 46.05 -6.19
CA GLU A 15 9.87 45.13 -7.30
C GLU A 15 10.21 43.72 -6.83
N LEU A 16 10.81 43.60 -5.63
CA LEU A 16 11.19 42.29 -5.11
C LEU A 16 10.00 41.46 -4.64
N LYS A 17 8.80 42.04 -4.62
CA LYS A 17 7.58 41.38 -4.15
C LYS A 17 7.76 40.78 -2.76
N ASN A 18 7.50 39.48 -2.58
CA ASN A 18 7.58 38.85 -1.27
C ASN A 18 8.96 38.32 -0.93
N LEU A 19 9.88 38.25 -1.90
CA LEU A 19 11.14 37.55 -1.72
C LEU A 19 11.95 37.96 -0.49
N PRO A 20 12.09 39.24 -0.14
CA PRO A 20 12.87 39.58 1.07
C PRO A 20 12.32 38.95 2.35
N LEU A 21 11.09 38.48 2.34
CA LEU A 21 10.55 37.78 3.52
C LEU A 21 11.32 36.51 3.84
N LEU A 22 11.91 35.86 2.85
CA LEU A 22 12.70 34.67 3.08
C LEU A 22 14.18 34.97 3.32
N ASN A 23 14.58 36.25 3.24
CA ASN A 23 15.94 36.64 3.60
C ASN A 23 16.01 36.76 5.13
N THR A 24 15.97 35.60 5.78
CA THR A 24 15.94 35.53 7.23
C THR A 24 16.54 34.21 7.66
N ASP A 25 16.97 34.14 8.92
CA ASP A 25 17.69 32.97 9.39
C ASP A 25 16.77 31.78 9.68
N LYS A 26 15.46 32.02 9.83
CA LYS A 26 14.49 30.98 10.17
C LYS A 26 13.30 31.10 9.23
N PRO A 27 13.46 30.73 7.96
CA PRO A 27 12.39 31.00 6.98
C PRO A 27 11.16 30.13 7.18
N VAL A 28 11.31 28.87 7.59
CA VAL A 28 10.13 28.02 7.81
C VAL A 28 9.27 28.60 8.92
N GLN A 29 9.91 29.00 10.03
CA GLN A 29 9.17 29.61 11.13
C GLN A 29 8.56 30.95 10.73
N ALA A 30 9.24 31.71 9.86
CA ALA A 30 8.65 32.91 9.29
C ALA A 30 7.39 32.60 8.48
N LEU A 31 7.43 31.54 7.67
CA LEU A 31 6.28 31.16 6.86
C LEU A 31 5.12 30.68 7.71
N MET A 32 5.42 30.02 8.83
CA MET A 32 4.38 29.58 9.75
C MET A 32 3.66 30.77 10.36
N LYS A 33 4.40 31.85 10.69
CA LYS A 33 3.78 33.05 11.23
C LYS A 33 2.91 33.73 10.18
N ILE A 34 3.37 33.78 8.92
CA ILE A 34 2.52 34.28 7.85
C ILE A 34 1.24 33.45 7.75
N ALA A 35 1.39 32.11 7.78
CA ALA A 35 0.22 31.24 7.75
C ALA A 35 -0.71 31.51 8.94
N ASP A 36 -0.13 31.79 10.11
CA ASP A 36 -0.97 32.16 11.27
C ASP A 36 -1.82 33.38 10.96
N GLU A 37 -1.24 34.35 10.25
CA GLU A 37 -1.96 35.57 9.94
C GLU A 37 -2.92 35.40 8.78
N LEU A 38 -2.50 34.72 7.70
CA LEU A 38 -3.28 34.72 6.47
C LEU A 38 -4.19 33.51 6.30
N GLY A 39 -3.95 32.42 7.03
CA GLY A 39 -4.81 31.26 6.91
C GLY A 39 -4.24 30.13 6.06
N GLU A 40 -5.15 29.33 5.49
CA GLU A 40 -4.79 28.05 4.89
C GLU A 40 -4.02 28.17 3.58
N ILE A 41 -4.03 29.33 2.93
CA ILE A 41 -3.36 29.46 1.64
C ILE A 41 -2.95 30.91 1.46
N PHE A 42 -1.72 31.13 1.01
CA PHE A 42 -1.33 32.46 0.61
C PHE A 42 -0.40 32.39 -0.59
N LYS A 43 -0.48 33.41 -1.42
CA LYS A 43 0.39 33.54 -2.58
C LYS A 43 1.70 34.18 -2.16
N PHE A 44 2.79 33.67 -2.72
CA PHE A 44 4.13 34.19 -2.46
C PHE A 44 4.76 34.45 -3.82
N GLU A 45 4.99 35.73 -4.12
CA GLU A 45 5.53 36.13 -5.40
C GLU A 45 6.96 36.60 -5.22
N ALA A 46 7.79 36.33 -6.21
CA ALA A 46 9.15 36.83 -6.30
C ALA A 46 9.39 37.15 -7.78
N PRO A 47 10.50 37.81 -8.12
CA PRO A 47 10.82 37.99 -9.55
C PRO A 47 10.91 36.65 -10.26
N GLY A 48 10.03 36.46 -11.25
CA GLY A 48 10.06 35.25 -12.06
C GLY A 48 9.55 33.99 -11.38
N ARG A 49 8.80 34.12 -10.29
CA ARG A 49 8.38 32.96 -9.49
C ARG A 49 7.10 33.28 -8.76
N VAL A 50 6.13 32.37 -8.82
CA VAL A 50 4.92 32.42 -8.01
C VAL A 50 4.68 31.02 -7.45
N THR A 51 4.44 30.92 -6.15
CA THR A 51 4.01 29.67 -5.54
C THR A 51 2.97 29.98 -4.47
N ARG A 52 2.31 28.94 -3.97
CA ARG A 52 1.22 29.09 -3.00
C ARG A 52 1.45 28.13 -1.85
N TYR A 53 1.47 28.66 -0.63
CA TYR A 53 1.75 27.87 0.56
C TYR A 53 0.44 27.38 1.15
N LEU A 54 0.29 26.06 1.26
CA LEU A 54 -0.90 25.43 1.81
C LEU A 54 -0.65 24.97 3.23
N SER A 55 -1.60 25.23 4.13
CA SER A 55 -1.44 24.89 5.55
C SER A 55 -2.56 24.06 6.15
N SER A 56 -3.68 23.86 5.46
CA SER A 56 -4.83 23.17 6.03
C SER A 56 -4.95 21.77 5.46
N GLN A 57 -5.44 20.85 6.29
CA GLN A 57 -5.72 19.50 5.78
C GLN A 57 -6.74 19.54 4.64
N ARG A 58 -7.71 20.45 4.72
CA ARG A 58 -8.74 20.60 3.68
C ARG A 58 -8.13 20.75 2.29
N LEU A 59 -7.16 21.66 2.15
CA LEU A 59 -6.56 21.90 0.84
C LEU A 59 -5.44 20.91 0.53
N ILE A 60 -4.68 20.49 1.54
CA ILE A 60 -3.55 19.60 1.29
C ILE A 60 -4.04 18.21 0.89
N LYS A 61 -5.22 17.80 1.34
CA LYS A 61 -5.73 16.50 0.91
C LYS A 61 -6.04 16.50 -0.58
N GLU A 62 -6.37 17.66 -1.16
CA GLU A 62 -6.50 17.77 -2.61
C GLU A 62 -5.14 17.82 -3.28
N ALA A 63 -4.20 18.59 -2.71
CA ALA A 63 -2.86 18.66 -3.28
C ALA A 63 -2.20 17.30 -3.36
N CYS A 64 -2.58 16.38 -2.48
CA CYS A 64 -2.02 15.03 -2.48
C CYS A 64 -2.69 14.09 -3.49
N ASP A 65 -3.65 14.59 -4.27
CA ASP A 65 -4.24 13.82 -5.37
C ASP A 65 -3.23 13.74 -6.50
N GLU A 66 -2.66 12.55 -6.70
CA GLU A 66 -1.62 12.36 -7.71
C GLU A 66 -2.15 12.40 -9.13
N SER A 67 -3.45 12.22 -9.33
CA SER A 67 -3.98 12.40 -10.68
C SER A 67 -4.02 13.87 -11.05
N ARG A 68 -3.97 14.76 -10.07
CA ARG A 68 -4.03 16.20 -10.28
C ARG A 68 -2.72 16.91 -10.04
N PHE A 69 -1.85 16.41 -9.16
CA PHE A 69 -0.59 17.08 -8.86
C PHE A 69 0.56 16.09 -8.82
N ASP A 70 1.73 16.53 -9.30
CA ASP A 70 2.95 15.75 -9.29
C ASP A 70 4.01 16.52 -8.48
N LYS A 71 5.07 15.81 -8.07
CA LYS A 71 6.13 16.48 -7.32
C LYS A 71 6.83 17.51 -8.20
N ASN A 72 7.06 18.67 -7.63
CA ASN A 72 7.85 19.73 -8.24
C ASN A 72 9.17 19.82 -7.50
N LEU A 73 10.24 20.16 -8.22
CA LEU A 73 11.50 20.48 -7.59
C LEU A 73 11.46 21.93 -7.14
N SER A 74 11.37 22.15 -5.82
CA SER A 74 11.52 23.48 -5.24
C SER A 74 12.86 24.08 -5.66
N GLN A 75 13.04 25.37 -5.41
CA GLN A 75 14.34 25.98 -5.68
C GLN A 75 15.44 25.33 -4.83
N ALA A 76 15.11 24.95 -3.60
CA ALA A 76 16.07 24.24 -2.76
C ALA A 76 16.51 22.92 -3.41
N LEU A 77 15.54 22.13 -3.86
CA LEU A 77 15.89 20.84 -4.46
C LEU A 77 16.67 21.02 -5.76
N LYS A 78 16.37 22.06 -6.54
CA LYS A 78 17.15 22.32 -7.75
C LYS A 78 18.61 22.62 -7.43
N PHE A 79 18.87 23.37 -6.34
CA PHE A 79 20.25 23.65 -5.95
C PHE A 79 20.92 22.43 -5.36
N VAL A 80 20.17 21.57 -4.66
CA VAL A 80 20.73 20.32 -4.17
C VAL A 80 21.03 19.36 -5.33
N ARG A 81 20.26 19.46 -6.42
CA ARG A 81 20.48 18.58 -7.57
C ARG A 81 21.89 18.72 -8.14
N ASP A 82 22.53 19.88 -7.96
CA ASP A 82 23.88 20.08 -8.50
C ASP A 82 24.89 19.11 -7.90
N PHE A 83 24.60 18.48 -6.77
CA PHE A 83 25.45 17.41 -6.27
C PHE A 83 24.70 16.11 -5.96
N ALA A 84 23.37 16.12 -5.91
CA ALA A 84 22.62 14.89 -5.79
C ALA A 84 22.16 14.35 -7.13
N GLY A 85 22.35 15.11 -8.20
CA GLY A 85 22.08 14.64 -9.56
C GLY A 85 20.65 14.18 -9.74
N ASP A 86 20.48 13.13 -10.55
CA ASP A 86 19.18 12.47 -10.68
C ASP A 86 19.05 11.28 -9.75
N GLY A 87 19.57 11.42 -8.52
CA GLY A 87 19.13 10.58 -7.43
C GLY A 87 17.64 10.72 -7.20
N LEU A 88 17.10 9.85 -6.33
CA LEU A 88 15.64 9.76 -6.21
C LEU A 88 15.02 11.07 -5.78
N ALA A 89 15.68 11.77 -4.84
CA ALA A 89 15.05 12.93 -4.21
C ALA A 89 15.06 14.18 -5.09
N THR A 90 15.99 14.28 -6.04
CA THR A 90 16.12 15.49 -6.85
C THR A 90 15.87 15.23 -8.34
N SER A 91 15.14 14.17 -8.68
CA SER A 91 14.77 13.91 -10.05
CA SER A 91 14.77 13.91 -10.05
C SER A 91 13.28 14.11 -10.25
N TRP A 92 12.89 14.42 -11.49
CA TRP A 92 11.48 14.55 -11.82
C TRP A 92 10.88 13.17 -11.99
N THR A 93 9.57 13.07 -11.71
CA THR A 93 8.86 11.81 -11.90
C THR A 93 8.97 11.31 -13.33
N HIS A 94 9.08 12.21 -14.30
CA HIS A 94 9.10 11.84 -15.71
C HIS A 94 10.50 11.51 -16.22
N GLU A 95 11.54 11.64 -15.40
CA GLU A 95 12.88 11.23 -15.79
C GLU A 95 13.03 9.73 -15.67
N LYS A 96 13.62 9.11 -16.70
CA LYS A 96 13.74 7.66 -16.77
C LYS A 96 14.44 7.08 -15.53
N ASN A 97 15.46 7.77 -15.03
CA ASN A 97 16.19 7.27 -13.86
C ASN A 97 15.36 7.32 -12.58
N TRP A 98 14.27 8.11 -12.52
CA TRP A 98 13.49 8.10 -11.29
C TRP A 98 12.75 6.77 -11.12
N LYS A 99 11.93 6.40 -12.10
CA LYS A 99 11.15 5.17 -11.98
C LYS A 99 12.05 3.95 -11.90
N LYS A 100 13.16 3.98 -12.63
CA LYS A 100 14.13 2.90 -12.62
C LYS A 100 14.69 2.67 -11.21
N ALA A 101 15.27 3.71 -10.63
CA ALA A 101 15.82 3.59 -9.28
C ALA A 101 14.71 3.32 -8.26
N HIS A 102 13.54 3.93 -8.48
CA HIS A 102 12.40 3.67 -7.60
C HIS A 102 12.04 2.19 -7.57
N ASN A 103 11.87 1.58 -8.75
CA ASN A 103 11.54 0.16 -8.83
C ASN A 103 12.66 -0.70 -8.24
N ILE A 104 13.92 -0.34 -8.52
CA ILE A 104 15.03 -1.13 -8.02
C ILE A 104 15.20 -0.97 -6.51
N LEU A 105 15.02 0.24 -5.98
CA LEU A 105 15.40 0.48 -4.58
C LEU A 105 14.28 0.20 -3.58
N LEU A 106 13.03 0.14 -4.03
CA LEU A 106 11.90 -0.06 -3.12
C LEU A 106 12.04 -1.33 -2.28
N PRO A 107 12.40 -2.50 -2.83
CA PRO A 107 12.54 -3.70 -2.00
C PRO A 107 13.69 -3.65 -1.01
N SER A 108 14.72 -2.84 -1.24
CA SER A 108 15.79 -2.73 -0.26
C SER A 108 15.51 -1.69 0.81
N PHE A 109 14.36 -1.03 0.76
CA PHE A 109 13.93 -0.10 1.79
C PHE A 109 12.68 -0.57 2.50
N SER A 110 12.25 -1.79 2.20
CA SER A 110 11.03 -2.31 2.81
C SER A 110 11.25 -2.54 4.29
N GLN A 111 10.12 -2.75 4.98
CA GLN A 111 10.18 -3.19 6.37
C GLN A 111 10.93 -4.50 6.51
N GLN A 112 10.74 -5.40 5.54
CA GLN A 112 11.44 -6.68 5.58
C GLN A 112 12.95 -6.51 5.40
N ALA A 113 13.39 -5.51 4.62
CA ALA A 113 14.82 -5.30 4.40
C ALA A 113 15.50 -4.72 5.64
N MET A 114 14.73 -4.13 6.56
CA MET A 114 15.32 -3.60 7.78
C MET A 114 15.87 -4.71 8.66
N LYS A 115 15.37 -5.93 8.51
CA LYS A 115 15.96 -7.06 9.22
C LYS A 115 17.43 -7.22 8.84
N GLY A 116 17.79 -6.93 7.59
CA GLY A 116 19.17 -7.09 7.15
C GLY A 116 20.06 -5.92 7.51
N TYR A 117 19.48 -4.72 7.69
CA TYR A 117 20.26 -3.58 8.13
C TYR A 117 20.40 -3.51 9.63
N HIS A 118 19.65 -4.35 10.36
CA HIS A 118 19.53 -4.17 11.81
C HIS A 118 20.88 -4.31 12.51
N ALA A 119 21.69 -5.29 12.10
CA ALA A 119 22.97 -5.51 12.78
C ALA A 119 23.88 -4.30 12.66
N MET A 120 23.90 -3.67 11.48
CA MET A 120 24.74 -2.47 11.30
C MET A 120 24.20 -1.29 12.09
N MET A 121 22.87 -1.10 12.11
CA MET A 121 22.30 -0.06 12.95
C MET A 121 22.68 -0.26 14.42
N VAL A 122 22.59 -1.50 14.90
CA VAL A 122 22.98 -1.80 16.27
C VAL A 122 24.45 -1.43 16.50
N ASP A 123 25.32 -1.71 15.52
CA ASP A 123 26.74 -1.37 15.63
C ASP A 123 26.93 0.09 15.99
N ILE A 124 26.30 1.01 15.26
CA ILE A 124 26.51 2.43 15.54
C ILE A 124 25.80 2.83 16.82
N ALA A 125 24.63 2.24 17.09
CA ALA A 125 23.87 2.61 18.28
C ALA A 125 24.64 2.25 19.55
N VAL A 126 25.33 1.11 19.55
CA VAL A 126 26.14 0.73 20.69
C VAL A 126 27.30 1.70 20.89
N GLN A 127 27.92 2.17 19.81
CA GLN A 127 28.95 3.19 19.92
C GLN A 127 28.43 4.45 20.61
N LEU A 128 27.22 4.89 20.25
CA LEU A 128 26.64 6.05 20.91
C LEU A 128 26.41 5.80 22.39
N VAL A 129 25.85 4.64 22.74
CA VAL A 129 25.62 4.28 24.14
C VAL A 129 26.94 4.22 24.89
N GLN A 130 27.96 3.59 24.30
CA GLN A 130 29.25 3.49 24.98
C GLN A 130 29.88 4.86 25.17
N LYS A 131 29.73 5.75 24.20
CA LYS A 131 30.24 7.11 24.40
C LYS A 131 29.62 7.73 25.65
N TRP A 132 28.30 7.61 25.79
CA TRP A 132 27.64 8.22 26.93
C TRP A 132 27.98 7.50 28.24
N GLU A 133 28.15 6.18 28.19
CA GLU A 133 28.59 5.48 29.41
C GLU A 133 29.98 5.96 29.87
N ARG A 134 30.81 6.42 28.94
CA ARG A 134 32.19 6.76 29.25
C ARG A 134 32.37 8.25 29.58
N LEU A 135 31.31 9.02 29.66
CA LEU A 135 31.44 10.39 30.10
C LEU A 135 31.74 10.44 31.60
N ASN A 136 32.49 11.44 32.00
CA ASN A 136 32.74 11.68 33.42
C ASN A 136 31.57 12.46 34.03
N ALA A 137 31.56 12.50 35.36
CA ALA A 137 30.48 13.16 36.08
C ALA A 137 30.41 14.63 35.70
N ASP A 138 29.18 15.13 35.52
CA ASP A 138 28.90 16.53 35.20
C ASP A 138 29.45 16.94 33.83
N GLU A 139 30.00 16.01 33.04
CA GLU A 139 30.03 16.23 31.62
C GLU A 139 28.61 16.12 31.08
N HIS A 140 28.39 16.69 29.90
CA HIS A 140 27.05 16.70 29.33
C HIS A 140 27.13 16.27 27.86
N ILE A 141 25.95 16.11 27.28
CA ILE A 141 25.77 15.61 25.91
C ILE A 141 25.30 16.76 25.03
N GLU A 142 25.92 16.89 23.86
CA GLU A 142 25.44 17.80 22.83
C GLU A 142 24.58 16.95 21.92
N VAL A 143 23.27 17.09 22.04
CA VAL A 143 22.33 16.10 21.51
C VAL A 143 22.33 16.07 19.98
N PRO A 144 22.04 17.16 19.27
CA PRO A 144 22.03 17.05 17.80
C PRO A 144 23.38 16.67 17.22
N GLU A 145 24.47 17.11 17.85
CA GLU A 145 25.80 16.73 17.38
C GLU A 145 26.00 15.22 17.46
N ASP A 146 25.63 14.60 18.59
CA ASP A 146 25.81 13.14 18.68
C ASP A 146 24.79 12.40 17.82
N MET A 147 23.56 12.91 17.71
CA MET A 147 22.58 12.25 16.84
C MET A 147 23.03 12.25 15.39
N THR A 148 23.62 13.36 14.94
CA THR A 148 24.13 13.46 13.58
C THR A 148 25.31 12.52 13.35
N ARG A 149 26.21 12.38 14.33
CA ARG A 149 27.26 11.37 14.25
C ARG A 149 26.66 9.97 14.06
N LEU A 150 25.60 9.67 14.76
CA LEU A 150 24.95 8.34 14.73
C LEU A 150 24.32 8.10 13.36
N THR A 151 23.52 9.04 12.86
CA THR A 151 22.79 8.80 11.61
C THR A 151 23.70 8.83 10.39
N LEU A 152 24.69 9.73 10.38
CA LEU A 152 25.67 9.71 9.29
C LEU A 152 26.41 8.38 9.23
N ASP A 153 26.86 7.88 10.38
CA ASP A 153 27.60 6.61 10.39
C ASP A 153 26.71 5.46 10.03
N THR A 154 25.47 5.48 10.49
CA THR A 154 24.56 4.38 10.18
C THR A 154 24.27 4.33 8.69
N ILE A 155 24.04 5.47 8.04
CA ILE A 155 23.75 5.44 6.62
C ILE A 155 25.01 5.08 5.82
N GLY A 156 26.18 5.53 6.26
CA GLY A 156 27.41 5.11 5.60
C GLY A 156 27.59 3.61 5.64
N LEU A 157 27.30 3.01 6.79
CA LEU A 157 27.47 1.57 6.93
C LEU A 157 26.42 0.80 6.14
N CYS A 158 25.14 1.15 6.31
CA CYS A 158 24.06 0.46 5.61
C CYS A 158 24.02 0.78 4.13
N GLY A 159 24.50 1.96 3.74
CA GLY A 159 24.47 2.37 2.36
C GLY A 159 25.57 1.75 1.53
N PHE A 160 26.82 1.87 1.97
CA PHE A 160 27.94 1.35 1.16
C PHE A 160 29.07 0.79 2.02
N ASN A 161 28.72 0.27 3.20
CA ASN A 161 29.66 -0.46 4.06
C ASN A 161 30.92 0.36 4.35
N TYR A 162 30.73 1.64 4.61
CA TYR A 162 31.84 2.55 4.85
C TYR A 162 31.70 3.17 6.22
N ARG A 163 32.82 3.19 6.97
CA ARG A 163 32.82 3.69 8.35
C ARG A 163 33.39 5.10 8.37
N PHE A 164 32.50 6.10 8.53
CA PHE A 164 32.95 7.47 8.74
C PHE A 164 33.64 7.65 10.09
N ASN A 165 33.42 6.74 11.03
CA ASN A 165 34.03 6.75 12.35
C ASN A 165 33.84 8.11 13.04
N SER A 166 32.60 8.61 12.96
CA SER A 166 32.33 9.94 13.48
C SER A 166 32.57 10.02 14.98
N PHE A 167 32.43 8.89 15.70
CA PHE A 167 32.62 8.91 17.14
C PHE A 167 34.10 8.85 17.54
N TYR A 168 35.02 8.75 16.57
CA TYR A 168 36.45 8.86 16.80
C TYR A 168 36.97 10.26 16.46
N ARG A 169 36.10 11.24 16.27
CA ARG A 169 36.49 12.49 15.64
C ARG A 169 35.82 13.67 16.32
N ASP A 170 36.53 14.80 16.29
CA ASP A 170 35.98 16.14 16.46
C ASP A 170 35.67 16.77 15.10
N GLN A 171 36.65 16.73 14.19
CA GLN A 171 36.45 17.20 12.83
C GLN A 171 35.92 16.05 11.98
N PRO A 172 34.77 16.19 11.33
CA PRO A 172 34.19 15.04 10.62
C PRO A 172 35.06 14.59 9.47
N HIS A 173 34.75 13.40 8.98
CA HIS A 173 35.33 12.90 7.76
C HIS A 173 35.22 13.95 6.65
N PRO A 174 36.26 14.13 5.82
CA PRO A 174 36.20 15.16 4.77
C PRO A 174 34.95 15.11 3.90
N PHE A 175 34.42 13.91 3.63
CA PHE A 175 33.19 13.83 2.83
C PHE A 175 32.06 14.58 3.50
N ILE A 176 31.93 14.41 4.82
CA ILE A 176 30.85 15.07 5.56
C ILE A 176 31.02 16.57 5.55
N THR A 177 32.26 17.04 5.78
CA THR A 177 32.53 18.47 5.74
C THR A 177 32.14 19.04 4.38
N SER A 178 32.53 18.36 3.30
CA SER A 178 32.15 18.84 1.98
C SER A 178 30.63 18.80 1.78
N MET A 179 29.98 17.73 2.20
CA MET A 179 28.53 17.62 2.04
C MET A 179 27.82 18.71 2.81
N VAL A 180 28.21 18.91 4.08
CA VAL A 180 27.58 19.94 4.90
C VAL A 180 27.76 21.32 4.29
N ARG A 181 28.99 21.62 3.84
CA ARG A 181 29.25 22.92 3.23
C ARG A 181 28.52 23.05 1.90
N ALA A 182 28.36 21.94 1.16
CA ALA A 182 27.61 21.97 -0.10
C ALA A 182 26.13 22.28 0.15
N LEU A 183 25.53 21.61 1.12
CA LEU A 183 24.15 21.92 1.50
C LEU A 183 23.99 23.38 1.92
N ASP A 184 24.94 23.87 2.73
CA ASP A 184 24.92 25.28 3.19
C ASP A 184 24.94 26.21 1.98
N GLU A 185 25.86 25.98 1.05
CA GLU A 185 25.93 26.81 -0.15
C GLU A 185 24.63 26.73 -0.94
N ALA A 186 24.03 25.54 -0.99
CA ALA A 186 22.74 25.40 -1.69
C ALA A 186 21.67 26.24 -1.00
N MET A 187 21.64 26.17 0.33
CA MET A 187 20.63 26.95 1.09
C MET A 187 20.96 28.45 1.00
N ASN A 188 22.24 28.86 1.10
CA ASN A 188 22.61 30.27 1.00
C ASN A 188 22.22 30.86 -0.36
N LYS A 189 22.19 30.03 -1.41
CA LYS A 189 21.77 30.51 -2.72
C LYS A 189 20.32 30.99 -2.74
N LEU A 190 19.48 30.51 -1.83
CA LEU A 190 18.08 30.93 -1.82
C LEU A 190 17.93 32.39 -1.40
N GLN A 191 18.46 32.73 -0.23
CA GLN A 191 18.34 34.08 0.32
C GLN A 191 19.28 35.08 -0.36
N ARG A 192 20.08 34.61 -1.32
CA ARG A 192 21.06 35.43 -2.03
C ARG A 192 20.41 36.27 -3.12
N PRO A 198 31.17 39.03 -8.08
CA PRO A 198 32.51 38.46 -8.12
C PRO A 198 33.01 37.97 -6.76
N ALA A 199 32.28 38.25 -5.67
CA ALA A 199 32.72 37.85 -4.32
C ALA A 199 32.31 36.41 -4.01
N TYR A 200 31.51 35.83 -4.87
CA TYR A 200 31.00 34.46 -4.72
C TYR A 200 31.93 33.47 -5.42
N ASP A 201 32.99 33.99 -6.03
CA ASP A 201 33.94 33.16 -6.79
C ASP A 201 34.52 32.12 -5.84
N GLU A 202 34.90 32.49 -4.62
CA GLU A 202 35.41 31.47 -3.68
C GLU A 202 34.29 30.46 -3.36
N ASN A 203 33.04 30.90 -3.22
CA ASN A 203 31.94 29.95 -2.89
C ASN A 203 31.78 28.93 -4.00
N LYS A 204 31.76 29.38 -5.25
CA LYS A 204 31.61 28.45 -6.40
C LYS A 204 32.83 27.53 -6.45
N ARG A 205 34.02 28.07 -6.25
CA ARG A 205 35.24 27.25 -6.32
C ARG A 205 35.19 26.21 -5.22
N GLN A 206 34.76 26.62 -4.03
CA GLN A 206 34.61 25.70 -2.89
C GLN A 206 33.50 24.69 -3.21
N PHE A 207 32.43 25.15 -3.86
CA PHE A 207 31.31 24.23 -4.20
C PHE A 207 31.77 23.16 -5.17
N GLN A 208 32.47 23.56 -6.24
CA GLN A 208 32.95 22.54 -7.21
C GLN A 208 33.94 21.68 -6.47
N GLU A 209 34.68 22.29 -5.57
CA GLU A 209 35.66 21.48 -4.84
C GLU A 209 34.97 20.45 -3.96
N ASP A 210 33.88 20.82 -3.28
CA ASP A 210 33.17 19.89 -2.41
C ASP A 210 32.46 18.80 -3.21
N ILE A 211 31.94 19.15 -4.40
CA ILE A 211 31.34 18.14 -5.28
C ILE A 211 32.37 17.07 -5.65
N LYS A 212 33.59 17.50 -6.00
CA LYS A 212 34.61 16.53 -6.40
C LYS A 212 34.97 15.61 -5.26
N VAL A 213 35.05 16.16 -4.03
CA VAL A 213 35.33 15.32 -2.87
C VAL A 213 34.26 14.24 -2.71
N MET A 214 32.98 14.62 -2.83
CA MET A 214 31.90 13.65 -2.69
C MET A 214 31.94 12.63 -3.82
N ASN A 215 32.05 13.11 -5.06
CA ASN A 215 32.08 12.21 -6.20
C ASN A 215 33.26 11.25 -6.12
N ASP A 216 34.45 11.79 -5.80
CA ASP A 216 35.65 10.96 -5.80
C ASP A 216 35.54 9.83 -4.80
N LEU A 217 35.12 10.13 -3.56
CA LEU A 217 35.05 9.07 -2.56
C LEU A 217 34.03 8.02 -2.95
N VAL A 218 32.84 8.46 -3.37
CA VAL A 218 31.76 7.52 -3.68
C VAL A 218 32.11 6.71 -4.93
N ASP A 219 32.65 7.36 -5.97
CA ASP A 219 33.04 6.60 -7.16
C ASP A 219 34.13 5.59 -6.85
N LYS A 220 35.05 5.93 -5.94
CA LYS A 220 36.11 4.99 -5.57
C LYS A 220 35.54 3.75 -4.89
N ILE A 221 34.62 3.95 -3.94
CA ILE A 221 34.05 2.81 -3.23
C ILE A 221 33.28 1.91 -4.20
N ILE A 222 32.55 2.52 -5.13
CA ILE A 222 31.86 1.72 -6.15
C ILE A 222 32.87 0.93 -6.98
N ALA A 223 33.92 1.60 -7.45
CA ALA A 223 34.95 0.90 -8.22
C ALA A 223 35.62 -0.18 -7.39
N ASP A 224 35.97 0.13 -6.13
CA ASP A 224 36.57 -0.88 -5.26
C ASP A 224 35.66 -2.09 -5.11
N ARG A 225 34.35 -1.83 -4.93
CA ARG A 225 33.41 -2.92 -4.73
C ARG A 225 33.30 -3.78 -5.99
N LYS A 226 33.25 -3.14 -7.16
CA LYS A 226 33.16 -3.92 -8.38
C LYS A 226 34.45 -4.72 -8.61
N ALA A 227 35.61 -4.11 -8.35
CA ALA A 227 36.88 -4.81 -8.50
C ALA A 227 36.97 -6.01 -7.56
N SER A 228 36.53 -5.84 -6.31
CA SER A 228 36.64 -6.90 -5.32
C SER A 228 35.64 -8.03 -5.58
N GLY A 229 34.41 -7.68 -5.94
CA GLY A 229 33.35 -8.66 -6.09
C GLY A 229 32.70 -9.12 -4.78
N GLU A 230 33.07 -8.53 -3.64
CA GLU A 230 32.48 -8.94 -2.38
C GLU A 230 31.02 -8.49 -2.29
N GLN A 231 30.24 -9.26 -1.54
CA GLN A 231 28.82 -9.00 -1.35
C GLN A 231 28.58 -8.59 0.08
N SER A 232 27.88 -7.48 0.28
CA SER A 232 27.57 -6.99 1.60
C SER A 232 26.06 -6.87 1.78
N ASP A 233 25.65 -6.57 3.00
CA ASP A 233 24.24 -6.36 3.30
C ASP A 233 23.86 -4.90 3.15
N ASP A 234 24.46 -4.20 2.20
CA ASP A 234 24.27 -2.77 2.05
C ASP A 234 23.54 -2.43 0.76
N LEU A 235 23.10 -1.18 0.68
CA LEU A 235 22.38 -0.70 -0.50
C LEU A 235 23.24 -0.77 -1.75
N LEU A 236 24.56 -0.61 -1.60
CA LEU A 236 25.43 -0.61 -2.78
C LEU A 236 25.39 -1.96 -3.49
N THR A 237 25.44 -3.07 -2.74
CA THR A 237 25.33 -4.39 -3.35
C THR A 237 24.00 -4.57 -4.07
N HIS A 238 22.89 -4.18 -3.44
CA HIS A 238 21.61 -4.29 -4.11
C HIS A 238 21.59 -3.50 -5.41
N MET A 239 22.24 -2.33 -5.43
CA MET A 239 22.22 -1.51 -6.63
C MET A 239 23.18 -2.02 -7.72
N LEU A 240 24.29 -2.67 -7.35
CA LEU A 240 25.16 -3.25 -8.36
C LEU A 240 24.52 -4.48 -9.00
N ASN A 241 23.62 -5.15 -8.29
CA ASN A 241 23.03 -6.40 -8.77
C ASN A 241 21.59 -6.25 -9.24
N GLY A 242 20.92 -5.15 -8.90
CA GLY A 242 19.49 -5.04 -9.18
C GLY A 242 19.20 -4.69 -10.63
N LYS A 243 18.08 -5.19 -11.11
CA LYS A 243 17.57 -4.83 -12.43
C LYS A 243 16.15 -4.32 -12.27
N ASP A 244 15.86 -3.19 -12.89
CA ASP A 244 14.51 -2.65 -12.94
C ASP A 244 13.60 -3.65 -13.65
N PRO A 245 12.55 -4.15 -12.99
CA PRO A 245 11.65 -5.10 -13.68
C PRO A 245 11.05 -4.56 -14.96
N GLU A 246 10.80 -3.25 -15.01
CA GLU A 246 10.13 -2.65 -16.17
C GLU A 246 11.04 -2.61 -17.40
N THR A 247 12.11 -1.83 -17.33
CA THR A 247 13.01 -1.69 -18.46
C THR A 247 13.96 -2.86 -18.60
N GLY A 248 14.10 -3.67 -17.55
CA GLY A 248 15.08 -4.74 -17.53
C GLY A 248 16.51 -4.29 -17.31
N GLU A 249 16.76 -2.91 -17.11
CA GLU A 249 18.06 -2.28 -16.98
C GLU A 249 18.47 -2.13 -15.52
N PRO A 250 19.78 -2.18 -15.25
CA PRO A 250 20.32 -1.77 -13.95
C PRO A 250 20.65 -0.28 -13.93
N LEU A 251 20.88 0.23 -12.72
CA LEU A 251 21.39 1.58 -12.60
C LEU A 251 22.84 1.62 -13.09
N ASP A 252 23.20 2.68 -13.81
CA ASP A 252 24.61 2.84 -14.13
C ASP A 252 25.38 3.38 -12.91
N ASP A 253 26.70 3.28 -12.98
CA ASP A 253 27.54 3.63 -11.83
C ASP A 253 27.39 5.09 -11.45
N GLU A 254 27.16 5.98 -12.41
CA GLU A 254 27.01 7.39 -12.06
C GLU A 254 25.75 7.61 -11.22
N ASN A 255 24.63 7.01 -11.61
CA ASN A 255 23.41 7.16 -10.83
C ASN A 255 23.51 6.46 -9.48
N ILE A 256 24.17 5.30 -9.43
CA ILE A 256 24.39 4.64 -8.15
C ILE A 256 25.11 5.59 -7.20
N ARG A 257 26.12 6.29 -7.71
CA ARG A 257 26.78 7.32 -6.91
C ARG A 257 25.77 8.36 -6.41
N TYR A 258 24.93 8.86 -7.31
CA TYR A 258 23.97 9.91 -6.90
C TYR A 258 23.00 9.38 -5.85
N GLN A 259 22.59 8.12 -5.96
CA GLN A 259 21.72 7.56 -4.94
C GLN A 259 22.41 7.53 -3.57
N ILE A 260 23.69 7.15 -3.56
CA ILE A 260 24.43 7.08 -2.30
C ILE A 260 24.54 8.47 -1.68
N ILE A 261 24.97 9.45 -2.46
CA ILE A 261 25.00 10.82 -1.98
C ILE A 261 23.61 11.25 -1.50
N THR A 262 22.58 10.86 -2.24
CA THR A 262 21.21 11.22 -1.87
C THR A 262 20.82 10.63 -0.52
N PHE A 263 21.14 9.34 -0.29
CA PHE A 263 20.83 8.74 1.01
C PHE A 263 21.45 9.53 2.14
N LEU A 264 22.71 9.94 1.97
CA LEU A 264 23.40 10.72 3.00
C LEU A 264 22.77 12.11 3.17
N ILE A 265 22.42 12.78 2.07
CA ILE A 265 21.79 14.10 2.17
C ILE A 265 20.40 13.98 2.79
N ALA A 266 19.56 13.10 2.21
CA ALA A 266 18.16 13.06 2.57
C ALA A 266 17.92 12.43 3.94
N GLY A 267 18.83 11.55 4.38
CA GLY A 267 18.59 10.75 5.55
C GLY A 267 19.23 11.21 6.83
N HIS A 268 20.43 11.79 6.77
CA HIS A 268 21.18 11.94 8.01
C HIS A 268 20.61 13.04 8.91
N GLU A 269 20.27 14.19 8.34
CA GLU A 269 19.89 15.33 9.17
C GLU A 269 18.41 15.32 9.52
N THR A 270 17.56 14.85 8.61
CA THR A 270 16.17 14.61 8.95
C THR A 270 16.07 13.66 10.12
N THR A 271 16.82 12.56 10.06
CA THR A 271 16.68 11.54 11.10
C THR A 271 17.33 11.99 12.40
N SER A 272 18.46 12.70 12.33
CA SER A 272 19.08 13.14 13.58
C SER A 272 18.26 14.23 14.25
N GLY A 273 17.70 15.13 13.45
CA GLY A 273 16.77 16.13 13.99
C GLY A 273 15.56 15.50 14.66
N LEU A 274 15.03 14.42 14.08
CA LEU A 274 13.92 13.69 14.72
C LEU A 274 14.33 13.17 16.09
N LEU A 275 15.44 12.43 16.17
CA LEU A 275 15.90 11.96 17.47
C LEU A 275 16.12 13.12 18.44
N SER A 276 16.67 14.24 17.95
CA SER A 276 16.93 15.37 18.83
C SER A 276 15.64 16.01 19.32
N PHE A 277 14.67 16.20 18.43
CA PHE A 277 13.38 16.75 18.86
C PHE A 277 12.66 15.78 19.79
N ALA A 278 12.73 14.48 19.52
CA ALA A 278 12.04 13.52 20.39
C ALA A 278 12.61 13.57 21.81
N LEU A 279 13.94 13.57 21.94
CA LEU A 279 14.52 13.64 23.28
C LEU A 279 14.17 14.95 23.96
N TYR A 280 14.17 16.04 23.20
CA TYR A 280 13.74 17.32 23.73
C TYR A 280 12.32 17.24 24.29
N PHE A 281 11.37 16.78 23.47
CA PHE A 281 10.01 16.71 23.98
C PHE A 281 9.90 15.76 25.15
N LEU A 282 10.67 14.68 25.16
CA LEU A 282 10.60 13.74 26.27
C LEU A 282 11.08 14.38 27.58
N VAL A 283 12.20 15.10 27.55
CA VAL A 283 12.66 15.70 28.81
C VAL A 283 11.79 16.88 29.20
N LYS A 284 11.07 17.50 28.27
CA LYS A 284 10.14 18.56 28.66
C LYS A 284 8.81 18.02 29.15
N ASN A 285 8.57 16.71 29.01
CA ASN A 285 7.30 16.06 29.37
C ASN A 285 7.62 14.80 30.17
N PRO A 286 8.03 14.95 31.45
CA PRO A 286 8.55 13.80 32.21
C PRO A 286 7.58 12.64 32.36
N HIS A 287 6.27 12.88 32.35
CA HIS A 287 5.32 11.77 32.35
C HIS A 287 5.43 10.95 31.07
N VAL A 288 5.59 11.61 29.92
CA VAL A 288 5.74 10.89 28.66
C VAL A 288 7.06 10.12 28.66
N LEU A 289 8.13 10.76 29.13
CA LEU A 289 9.42 10.10 29.18
C LEU A 289 9.33 8.83 30.01
N GLN A 290 8.70 8.93 31.19
CA GLN A 290 8.60 7.78 32.07
C GLN A 290 7.85 6.64 31.40
N LYS A 291 6.78 6.96 30.68
CA LYS A 291 6.04 5.95 29.93
C LYS A 291 6.88 5.32 28.83
N ALA A 292 7.65 6.14 28.12
CA ALA A 292 8.53 5.58 27.09
C ALA A 292 9.65 4.75 27.72
N ALA A 293 10.22 5.21 28.82
CA ALA A 293 11.29 4.45 29.48
C ALA A 293 10.79 3.13 30.02
N GLU A 294 9.56 3.13 30.57
CA GLU A 294 8.94 1.89 31.05
C GLU A 294 8.79 0.88 29.91
N GLU A 295 8.35 1.32 28.74
CA GLU A 295 8.24 0.42 27.61
C GLU A 295 9.61 -0.10 27.20
N ALA A 296 10.62 0.77 27.18
CA ALA A 296 11.96 0.33 26.79
C ALA A 296 12.50 -0.75 27.72
N ALA A 297 12.28 -0.58 29.02
CA ALA A 297 12.76 -1.57 29.99
C ALA A 297 12.01 -2.88 29.88
N ARG A 298 10.70 -2.81 29.63
CA ARG A 298 9.92 -4.05 29.52
C ARG A 298 10.26 -4.82 28.25
N VAL A 299 10.54 -4.12 27.15
CA VAL A 299 10.68 -4.76 25.84
C VAL A 299 12.13 -5.17 25.54
N LEU A 300 13.11 -4.33 25.90
CA LEU A 300 14.51 -4.56 25.52
C LEU A 300 15.19 -5.40 26.60
N VAL A 301 14.78 -6.67 26.68
CA VAL A 301 15.25 -7.55 27.75
C VAL A 301 16.62 -8.14 27.50
N ASP A 302 17.15 -8.01 26.28
CA ASP A 302 18.45 -8.57 25.94
C ASP A 302 19.51 -7.48 25.88
N PRO A 303 20.78 -7.83 26.02
CA PRO A 303 21.84 -6.80 25.99
C PRO A 303 21.87 -6.03 24.69
N VAL A 304 21.42 -6.65 23.60
CA VAL A 304 21.37 -6.04 22.29
C VAL A 304 19.93 -6.13 21.80
N PRO A 305 19.31 -5.05 21.35
CA PRO A 305 17.96 -5.16 20.80
C PRO A 305 17.94 -6.00 19.54
N SER A 306 16.90 -6.81 19.40
CA SER A 306 16.64 -7.55 18.17
C SER A 306 15.70 -6.75 17.28
N TYR A 307 15.67 -7.12 15.99
CA TYR A 307 14.72 -6.51 15.07
C TYR A 307 13.29 -6.64 15.58
N LYS A 308 12.95 -7.82 16.11
CA LYS A 308 11.57 -8.04 16.56
C LYS A 308 11.22 -7.10 17.72
N GLN A 309 12.17 -6.89 18.64
CA GLN A 309 11.90 -6.05 19.79
C GLN A 309 11.68 -4.59 19.40
N VAL A 310 12.39 -4.11 18.37
CA VAL A 310 12.20 -2.74 17.94
C VAL A 310 10.76 -2.52 17.49
N LYS A 311 10.21 -3.46 16.72
CA LYS A 311 8.82 -3.38 16.30
C LYS A 311 7.86 -3.36 17.48
N GLN A 312 8.26 -3.89 18.64
CA GLN A 312 7.41 -3.91 19.83
C GLN A 312 7.45 -2.61 20.63
N LEU A 313 8.33 -1.68 20.26
CA LEU A 313 8.44 -0.38 20.96
C LEU A 313 7.33 0.55 20.45
N LYS A 314 6.10 0.15 20.77
CA LYS A 314 4.92 0.83 20.23
C LYS A 314 4.86 2.29 20.66
N TYR A 315 5.01 2.55 21.96
CA TYR A 315 4.90 3.91 22.46
C TYR A 315 6.07 4.78 22.01
N VAL A 316 7.28 4.20 21.89
CA VAL A 316 8.39 4.95 21.33
C VAL A 316 8.06 5.40 19.91
N GLY A 317 7.44 4.52 19.12
CA GLY A 317 7.00 4.90 17.79
C GLY A 317 5.99 6.04 17.79
N MET A 318 5.04 6.00 18.72
CA MET A 318 4.12 7.13 18.84
C MET A 318 4.88 8.40 19.25
N VAL A 319 5.85 8.28 20.16
CA VAL A 319 6.68 9.43 20.53
C VAL A 319 7.31 10.04 19.28
N LEU A 320 7.89 9.21 18.42
CA LEU A 320 8.57 9.74 17.25
C LEU A 320 7.57 10.39 16.28
N ASN A 321 6.39 9.79 16.11
CA ASN A 321 5.38 10.38 15.24
C ASN A 321 4.91 11.73 15.78
N GLU A 322 4.77 11.85 17.10
CA GLU A 322 4.35 13.12 17.66
C GLU A 322 5.44 14.17 17.54
N ALA A 323 6.71 13.76 17.62
CA ALA A 323 7.78 14.72 17.37
C ALA A 323 7.80 15.16 15.92
N LEU A 324 7.54 14.21 15.00
CA LEU A 324 7.39 14.53 13.59
C LEU A 324 6.16 15.42 13.34
N ARG A 325 5.10 15.26 14.14
CA ARG A 325 3.96 16.15 13.97
C ARG A 325 4.36 17.58 14.25
N LEU A 326 4.97 17.82 15.42
CA LEU A 326 5.28 19.19 15.80
C LEU A 326 6.41 19.77 14.96
N TRP A 327 7.46 18.99 14.71
CA TRP A 327 8.64 19.50 14.00
C TRP A 327 9.07 18.50 12.93
N PRO A 328 8.32 18.40 11.84
CA PRO A 328 8.74 17.56 10.72
C PRO A 328 10.05 18.08 10.16
N THR A 329 11.07 17.23 10.19
CA THR A 329 12.41 17.75 9.95
C THR A 329 12.71 17.97 8.47
N ALA A 330 11.92 17.38 7.56
CA ALA A 330 11.92 17.85 6.18
C ALA A 330 10.62 18.64 6.03
N PRO A 331 10.67 19.95 6.29
CA PRO A 331 9.44 20.67 6.64
C PRO A 331 8.58 21.10 5.46
N ALA A 332 8.93 20.79 4.21
CA ALA A 332 8.04 21.15 3.12
C ALA A 332 8.33 20.28 1.91
N PHE A 333 7.35 20.24 1.01
CA PHE A 333 7.57 19.68 -0.32
C PHE A 333 6.71 20.47 -1.29
N SER A 334 7.01 20.29 -2.58
CA SER A 334 6.50 21.15 -3.63
C SER A 334 5.77 20.31 -4.66
N LEU A 335 4.73 20.89 -5.25
CA LEU A 335 3.89 20.20 -6.22
C LEU A 335 3.57 21.16 -7.36
N TYR A 336 3.19 20.58 -8.51
CA TYR A 336 2.72 21.37 -9.65
C TYR A 336 1.47 20.72 -10.21
N ALA A 337 0.56 21.57 -10.72
CA ALA A 337 -0.68 21.08 -11.28
C ALA A 337 -0.41 20.47 -12.66
N LYS A 338 -0.80 19.20 -12.82
CA LYS A 338 -0.64 18.50 -14.10
C LYS A 338 -1.56 19.07 -15.18
N GLU A 339 -2.73 19.59 -14.79
CA GLU A 339 -3.67 20.22 -15.70
C GLU A 339 -4.35 21.36 -14.97
N ASP A 340 -5.10 22.18 -15.72
CA ASP A 340 -5.96 23.16 -15.08
C ASP A 340 -6.88 22.45 -14.10
N THR A 341 -7.03 23.04 -12.91
CA THR A 341 -7.86 22.41 -11.88
C THR A 341 -8.20 23.49 -10.86
N VAL A 342 -9.20 23.22 -10.04
CA VAL A 342 -9.68 24.17 -9.04
C VAL A 342 -9.45 23.56 -7.66
N LEU A 343 -8.75 24.30 -6.81
CA LEU A 343 -8.39 23.83 -5.48
C LEU A 343 -9.41 24.30 -4.46
N GLY A 344 -9.99 23.38 -3.71
CA GLY A 344 -10.85 23.77 -2.61
C GLY A 344 -12.16 24.41 -3.04
N GLY A 345 -12.50 24.33 -4.32
CA GLY A 345 -13.71 24.92 -4.83
C GLY A 345 -13.65 26.42 -5.01
N GLU A 346 -12.49 27.07 -4.85
CA GLU A 346 -12.47 28.52 -4.96
C GLU A 346 -11.16 29.07 -5.51
N TYR A 347 -10.14 28.23 -5.64
CA TYR A 347 -8.84 28.72 -6.11
C TYR A 347 -8.49 28.02 -7.42
N PRO A 348 -8.80 28.63 -8.56
CA PRO A 348 -8.45 28.00 -9.84
C PRO A 348 -6.96 28.08 -10.10
N LEU A 349 -6.41 26.98 -10.58
CA LEU A 349 -4.99 26.88 -10.91
C LEU A 349 -4.84 26.50 -12.37
N GLU A 350 -3.83 27.04 -13.01
CA GLU A 350 -3.50 26.64 -14.37
C GLU A 350 -2.47 25.52 -14.35
N LYS A 351 -2.47 24.72 -15.42
CA LYS A 351 -1.47 23.68 -15.59
C LYS A 351 -0.09 24.27 -15.35
N GLY A 352 0.71 23.56 -14.54
CA GLY A 352 2.04 24.02 -14.19
C GLY A 352 2.13 24.87 -12.94
N ASP A 353 1.02 25.41 -12.45
CA ASP A 353 1.06 26.26 -11.26
C ASP A 353 1.60 25.48 -10.06
N GLU A 354 2.39 26.16 -9.24
CA GLU A 354 3.16 25.53 -8.17
C GLU A 354 2.46 25.69 -6.82
N LEU A 355 2.65 24.70 -5.96
CA LEU A 355 2.18 24.69 -4.58
C LEU A 355 3.33 24.29 -3.67
N MET A 356 3.37 24.87 -2.47
CA MET A 356 4.24 24.40 -1.40
C MET A 356 3.38 23.91 -0.24
N VAL A 357 3.70 22.72 0.27
CA VAL A 357 2.99 22.18 1.43
C VAL A 357 3.83 22.49 2.66
N LEU A 358 3.31 23.36 3.51
CA LEU A 358 4.00 23.79 4.74
C LEU A 358 3.64 22.79 5.84
N ILE A 359 4.46 21.75 5.96
CA ILE A 359 4.07 20.62 6.80
C ILE A 359 3.86 21.00 8.26
N PRO A 360 4.74 21.79 8.91
CA PRO A 360 4.50 22.08 10.34
C PRO A 360 3.19 22.81 10.58
N GLN A 361 2.72 23.62 9.63
CA GLN A 361 1.40 24.25 9.78
C GLN A 361 0.29 23.23 9.61
N LEU A 362 0.40 22.36 8.60
CA LEU A 362 -0.56 21.28 8.40
C LEU A 362 -0.77 20.49 9.69
N HIS A 363 0.32 20.16 10.39
CA HIS A 363 0.28 19.36 11.59
C HIS A 363 -0.24 20.12 12.82
N ARG A 364 -0.57 21.41 12.67
CA ARG A 364 -1.20 22.21 13.72
C ARG A 364 -2.62 22.61 13.37
N ASP A 365 -3.22 21.98 12.36
CA ASP A 365 -4.60 22.25 11.95
C ASP A 365 -5.55 21.87 13.08
N LYS A 366 -6.12 22.87 13.76
CA LYS A 366 -6.95 22.56 14.92
C LYS A 366 -8.22 21.80 14.52
N THR A 367 -8.71 21.98 13.27
CA THR A 367 -9.86 21.21 12.84
C THR A 367 -9.57 19.71 12.82
N ILE A 368 -8.29 19.33 12.84
CA ILE A 368 -7.89 17.93 12.82
C ILE A 368 -7.46 17.47 14.20
N TRP A 369 -6.62 18.24 14.88
CA TRP A 369 -5.98 17.76 16.09
C TRP A 369 -6.64 18.26 17.37
N GLY A 370 -7.55 19.23 17.29
CA GLY A 370 -8.13 19.81 18.47
C GLY A 370 -7.39 21.05 18.91
N ASP A 371 -7.84 21.62 20.02
CA ASP A 371 -7.28 22.90 20.45
C ASP A 371 -5.90 22.79 21.08
N ASP A 372 -5.53 21.61 21.56
CA ASP A 372 -4.21 21.44 22.18
C ASP A 372 -3.13 21.09 21.16
N VAL A 373 -3.14 21.71 19.96
CA VAL A 373 -2.22 21.31 18.89
C VAL A 373 -0.76 21.49 19.28
N GLU A 374 -0.48 22.37 20.25
CA GLU A 374 0.91 22.62 20.63
C GLU A 374 1.41 21.67 21.71
N GLU A 375 0.55 20.85 22.28
CA GLU A 375 0.95 19.94 23.34
C GLU A 375 1.54 18.65 22.77
N PHE A 376 2.53 18.11 23.47
CA PHE A 376 3.20 16.88 23.04
C PHE A 376 2.44 15.71 23.66
N ARG A 377 1.61 15.04 22.88
CA ARG A 377 0.82 13.91 23.36
C ARG A 377 0.95 12.79 22.36
N PRO A 378 1.90 11.86 22.56
CA PRO A 378 2.04 10.73 21.63
C PRO A 378 0.77 9.93 21.49
N GLU A 379 -0.14 9.99 22.46
CA GLU A 379 -1.40 9.24 22.43
C GLU A 379 -2.26 9.57 21.23
N ARG A 380 -2.01 10.71 20.57
CA ARG A 380 -2.74 11.05 19.34
C ARG A 380 -2.64 9.97 18.27
N PHE A 381 -1.59 9.14 18.31
CA PHE A 381 -1.32 8.17 17.27
C PHE A 381 -1.67 6.73 17.66
N GLU A 382 -2.53 6.53 18.67
CA GLU A 382 -2.92 5.17 19.02
C GLU A 382 -3.53 4.42 17.83
N ASN A 383 -4.39 5.09 17.05
CA ASN A 383 -5.06 4.48 15.90
C ASN A 383 -4.91 5.30 14.62
N PRO A 384 -4.11 4.85 13.65
CA PRO A 384 -4.01 5.62 12.40
C PRO A 384 -5.33 5.72 11.64
N SER A 385 -6.30 4.84 11.92
CA SER A 385 -7.60 4.93 11.25
C SER A 385 -8.40 6.14 11.72
N ALA A 386 -8.17 6.62 12.95
CA ALA A 386 -8.92 7.75 13.45
C ALA A 386 -8.40 9.08 12.90
N ILE A 387 -7.24 9.08 12.26
CA ILE A 387 -6.63 10.28 11.70
C ILE A 387 -7.16 10.47 10.29
N PRO A 388 -7.72 11.64 9.95
CA PRO A 388 -8.24 11.84 8.58
C PRO A 388 -7.16 11.73 7.52
N GLN A 389 -7.60 11.54 6.28
CA GLN A 389 -6.69 11.36 5.16
C GLN A 389 -5.80 12.57 4.97
N HIS A 390 -4.50 12.33 4.81
CA HIS A 390 -3.53 13.36 4.44
C HIS A 390 -3.35 14.43 5.51
N ALA A 391 -3.73 14.15 6.75
CA ALA A 391 -3.49 15.11 7.82
C ALA A 391 -2.06 15.11 8.34
N PHE A 392 -1.33 14.01 8.13
CA PHE A 392 -0.02 13.79 8.75
C PHE A 392 0.92 13.36 7.64
N LYS A 393 1.82 14.26 7.21
CA LYS A 393 2.66 14.01 6.04
C LYS A 393 4.14 14.32 6.30
N PRO A 394 4.74 13.77 7.35
CA PRO A 394 6.16 14.05 7.58
C PRO A 394 7.07 13.40 6.54
N PHE A 395 6.59 12.40 5.80
CA PHE A 395 7.39 11.71 4.79
C PHE A 395 6.89 11.96 3.37
N GLY A 396 6.16 13.06 3.17
CA GLY A 396 5.72 13.39 1.82
C GLY A 396 4.52 12.55 1.43
N ASN A 397 4.35 12.39 0.12
CA ASN A 397 3.09 11.88 -0.41
C ASN A 397 3.29 10.98 -1.63
N GLY A 398 2.53 9.89 -1.67
CA GLY A 398 2.34 9.05 -2.84
C GLY A 398 3.63 8.36 -3.29
N GLN A 399 3.75 8.17 -4.60
CA GLN A 399 4.93 7.50 -5.13
C GLN A 399 6.19 8.33 -4.96
N ARG A 400 6.06 9.63 -4.67
CA ARG A 400 7.20 10.48 -4.36
C ARG A 400 7.38 10.67 -2.86
N ALA A 401 6.81 9.78 -2.05
CA ALA A 401 6.99 9.82 -0.61
C ALA A 401 8.38 9.29 -0.25
N CYS A 402 8.77 9.50 1.01
CA CYS A 402 10.09 9.10 1.49
C CYS A 402 10.31 7.60 1.33
N ILE A 403 11.25 7.21 0.47
CA ILE A 403 11.59 5.80 0.37
C ILE A 403 12.34 5.32 1.62
N GLY A 404 12.99 6.22 2.37
CA GLY A 404 13.70 5.77 3.54
C GLY A 404 12.90 5.85 4.84
N GLN A 405 11.56 5.91 4.73
CA GLN A 405 10.72 6.06 5.93
C GLN A 405 10.88 4.91 6.90
N GLN A 406 10.80 3.67 6.41
CA GLN A 406 10.97 2.53 7.30
C GLN A 406 12.39 2.52 7.89
N PHE A 407 13.39 2.87 7.09
CA PHE A 407 14.75 2.98 7.60
C PHE A 407 14.85 3.98 8.74
N ALA A 408 14.35 5.20 8.51
CA ALA A 408 14.46 6.25 9.51
C ALA A 408 13.75 5.88 10.79
N LEU A 409 12.54 5.36 10.69
CA LEU A 409 11.75 5.02 11.90
C LEU A 409 12.39 3.82 12.61
N HIS A 410 12.95 2.87 11.88
CA HIS A 410 13.62 1.73 12.54
C HIS A 410 14.83 2.22 13.31
N GLU A 411 15.65 3.04 12.68
CA GLU A 411 16.86 3.62 13.30
C GLU A 411 16.48 4.42 14.55
N ALA A 412 15.51 5.32 14.42
CA ALA A 412 15.10 6.24 15.50
C ALA A 412 14.49 5.43 16.64
N THR A 413 13.66 4.46 16.30
CA THR A 413 13.05 3.66 17.36
C THR A 413 14.10 2.83 18.09
N LEU A 414 15.01 2.20 17.35
CA LEU A 414 16.08 1.43 17.97
C LEU A 414 16.92 2.31 18.88
N VAL A 415 17.35 3.48 18.39
CA VAL A 415 18.28 4.30 19.14
C VAL A 415 17.59 4.91 20.36
N LEU A 416 16.39 5.47 20.15
CA LEU A 416 15.66 6.04 21.27
C LEU A 416 15.34 4.98 22.31
N GLY A 417 14.95 3.79 21.85
CA GLY A 417 14.72 2.70 22.79
C GLY A 417 15.94 2.41 23.65
N MET A 418 17.11 2.29 23.02
CA MET A 418 18.32 1.99 23.77
C MET A 418 18.69 3.12 24.71
N MET A 419 18.55 4.37 24.25
CA MET A 419 18.83 5.52 25.11
C MET A 419 17.95 5.47 26.36
N LEU A 420 16.66 5.19 26.18
CA LEU A 420 15.73 5.17 27.29
C LEU A 420 15.96 4.00 28.22
N LYS A 421 16.47 2.90 27.68
CA LYS A 421 16.80 1.75 28.52
C LYS A 421 18.02 2.05 29.39
N HIS A 422 19.01 2.75 28.82
CA HIS A 422 20.31 2.83 29.47
C HIS A 422 20.56 4.07 30.32
N PHE A 423 19.77 5.13 30.19
CA PHE A 423 20.08 6.38 30.88
C PHE A 423 18.82 7.06 31.37
N ASP A 424 18.93 7.72 32.51
CA ASP A 424 18.02 8.77 32.92
C ASP A 424 18.57 10.09 32.40
N PHE A 425 17.68 10.97 31.97
CA PHE A 425 18.09 12.22 31.36
C PHE A 425 17.68 13.40 32.24
N GLU A 426 18.53 14.43 32.26
CA GLU A 426 18.26 15.65 33.00
C GLU A 426 18.41 16.83 32.06
N ASP A 427 17.41 17.70 32.04
CA ASP A 427 17.43 18.96 31.30
C ASP A 427 18.13 20.00 32.18
N HIS A 428 19.45 19.84 32.30
CA HIS A 428 20.19 20.53 33.36
C HIS A 428 20.30 22.04 33.11
N THR A 429 20.10 22.52 31.89
CA THR A 429 20.14 23.95 31.61
C THR A 429 18.77 24.58 31.49
N ASN A 430 17.70 23.82 31.71
CA ASN A 430 16.34 24.25 31.36
C ASN A 430 16.35 24.82 29.94
N TYR A 431 16.73 23.95 29.01
CA TYR A 431 17.02 24.40 27.65
C TYR A 431 15.83 25.11 27.01
N GLU A 432 16.08 26.28 26.43
CA GLU A 432 15.07 27.04 25.71
C GLU A 432 15.12 26.67 24.23
N LEU A 433 14.03 26.12 23.71
CA LEU A 433 14.01 25.62 22.33
C LEU A 433 14.40 26.72 21.35
N ASP A 434 15.37 26.42 20.50
CA ASP A 434 15.86 27.35 19.50
C ASP A 434 16.10 26.51 18.24
N ILE A 435 15.26 26.72 17.23
CA ILE A 435 15.25 25.84 16.06
C ILE A 435 16.09 26.47 14.97
N LYS A 436 17.23 25.83 14.70
CA LYS A 436 18.07 26.21 13.58
C LYS A 436 17.54 25.61 12.29
N GLU A 437 17.59 26.38 11.22
CA GLU A 437 17.08 25.97 9.91
C GLU A 437 18.21 25.86 8.90
N THR A 438 18.32 24.69 8.28
CA THR A 438 19.18 24.47 7.12
C THR A 438 18.24 24.08 5.98
N LEU A 439 18.42 22.89 5.46
CA LEU A 439 17.33 22.33 4.63
C LEU A 439 16.43 21.56 5.60
N THR A 440 16.87 21.38 6.84
CA THR A 440 16.12 20.71 7.86
C THR A 440 16.02 21.58 9.10
N LEU A 441 15.39 21.03 10.13
CA LEU A 441 15.17 21.73 11.39
C LEU A 441 15.84 20.94 12.49
N LYS A 442 16.43 21.64 13.45
CA LYS A 442 17.05 20.97 14.57
C LYS A 442 17.02 21.86 15.80
N PRO A 443 16.97 21.28 17.00
CA PRO A 443 17.03 22.11 18.21
C PRO A 443 18.46 22.51 18.54
N GLU A 444 18.87 23.70 18.10
CA GLU A 444 20.28 24.09 18.23
C GLU A 444 20.65 24.29 19.70
N GLY A 445 21.81 23.77 20.08
CA GLY A 445 22.27 23.94 21.43
C GLY A 445 21.58 23.10 22.46
N PHE A 446 20.77 22.13 22.05
CA PHE A 446 20.08 21.25 23.00
C PHE A 446 21.10 20.32 23.68
N VAL A 447 21.17 20.42 25.01
CA VAL A 447 22.13 19.67 25.79
C VAL A 447 21.40 19.01 26.94
N VAL A 448 21.90 17.83 27.33
CA VAL A 448 21.36 17.08 28.45
C VAL A 448 22.53 16.48 29.22
N LYS A 449 22.24 16.07 30.44
CA LYS A 449 23.10 15.18 31.21
C LYS A 449 22.44 13.82 31.27
N ALA A 450 23.24 12.77 31.16
CA ALA A 450 22.75 11.42 31.28
C ALA A 450 23.39 10.76 32.49
N LYS A 451 22.57 10.14 33.33
CA LYS A 451 23.04 9.30 34.42
C LYS A 451 22.74 7.86 34.04
N SER A 452 23.79 7.05 33.96
CA SER A 452 23.64 5.68 33.51
C SER A 452 22.83 4.87 34.51
N LYS A 453 22.01 3.94 34.00
CA LYS A 453 21.37 2.94 34.83
C LYS A 453 22.24 1.70 35.03
N LYS A 454 23.46 1.71 34.49
CA LYS A 454 24.47 0.66 34.73
C LYS A 454 24.00 -0.70 34.21
N ILE A 455 23.32 -0.70 33.07
CA ILE A 455 22.87 -1.92 32.43
C ILE A 455 23.89 -2.30 31.35
N PRO A 456 24.51 -3.47 31.41
CA PRO A 456 25.59 -3.79 30.47
C PRO A 456 25.05 -4.08 29.07
N LEU A 457 25.95 -3.98 28.10
CA LEU A 457 25.62 -4.22 26.70
C LEU A 457 25.99 -5.64 26.30
N GLU B 6 11.50 -32.94 5.27
CA GLU B 6 10.39 -33.75 5.75
C GLU B 6 9.12 -32.89 5.88
N MET B 7 7.99 -33.34 5.27
CA MET B 7 6.87 -32.41 5.17
C MET B 7 5.77 -32.69 6.18
N PRO B 8 5.32 -31.68 6.92
CA PRO B 8 4.21 -31.89 7.86
C PRO B 8 2.93 -32.31 7.15
N GLN B 9 2.07 -32.99 7.90
CA GLN B 9 0.81 -33.55 7.39
C GLN B 9 -0.20 -33.66 8.53
N PRO B 10 -1.46 -33.31 8.29
CA PRO B 10 -2.49 -33.41 9.35
C PRO B 10 -2.92 -34.85 9.58
N LYS B 11 -3.88 -35.03 10.50
CA LYS B 11 -4.29 -36.36 10.93
C LYS B 11 -4.94 -37.15 9.79
N THR B 12 -4.88 -38.48 9.89
CA THR B 12 -5.33 -39.38 8.85
C THR B 12 -6.51 -40.23 9.31
N PHE B 13 -7.19 -40.82 8.34
CA PHE B 13 -8.41 -41.59 8.56
C PHE B 13 -8.29 -42.96 7.89
N GLY B 14 -7.24 -43.69 8.24
CA GLY B 14 -7.02 -44.99 7.64
C GLY B 14 -6.77 -44.89 6.14
N GLU B 15 -7.54 -45.66 5.36
CA GLU B 15 -7.34 -45.70 3.92
C GLU B 15 -7.75 -44.38 3.27
N LEU B 16 -8.65 -43.62 3.91
CA LEU B 16 -9.06 -42.35 3.35
C LEU B 16 -7.99 -41.26 3.53
N LYS B 17 -6.89 -41.56 4.21
CA LYS B 17 -5.83 -40.59 4.46
C LYS B 17 -6.41 -39.30 5.04
N ASN B 18 -6.13 -38.16 4.38
CA ASN B 18 -6.59 -36.86 4.87
C ASN B 18 -7.96 -36.45 4.37
N LEU B 19 -8.51 -37.15 3.37
CA LEU B 19 -9.71 -36.67 2.68
C LEU B 19 -10.87 -36.30 3.61
N PRO B 20 -11.22 -37.07 4.65
CA PRO B 20 -12.37 -36.67 5.49
C PRO B 20 -12.20 -35.32 6.17
N LEU B 21 -10.97 -34.80 6.25
CA LEU B 21 -10.79 -33.44 6.78
C LEU B 21 -11.57 -32.41 5.98
N LEU B 22 -11.82 -32.67 4.70
CA LEU B 22 -12.59 -31.76 3.87
C LEU B 22 -14.09 -32.05 3.91
N ASN B 23 -14.50 -33.10 4.62
CA ASN B 23 -15.91 -33.39 4.82
C ASN B 23 -16.44 -32.53 5.98
N THR B 24 -16.56 -31.24 5.69
CA THR B 24 -16.98 -30.24 6.68
C THR B 24 -17.61 -29.07 5.94
N ASP B 25 -18.40 -28.26 6.64
CA ASP B 25 -19.08 -27.15 5.99
C ASP B 25 -18.15 -25.99 5.69
N LYS B 26 -17.00 -25.91 6.35
CA LYS B 26 -16.08 -24.77 6.25
C LYS B 26 -14.67 -25.26 5.97
N PRO B 27 -14.43 -25.78 4.77
CA PRO B 27 -13.12 -26.42 4.49
C PRO B 27 -11.98 -25.44 4.37
N VAL B 28 -12.19 -24.25 3.81
CA VAL B 28 -11.10 -23.27 3.74
C VAL B 28 -10.67 -22.88 5.14
N GLN B 29 -11.64 -22.60 6.00
CA GLN B 29 -11.29 -22.24 7.37
C GLN B 29 -10.65 -23.40 8.10
N ALA B 30 -11.07 -24.63 7.80
CA ALA B 30 -10.41 -25.81 8.36
C ALA B 30 -8.95 -25.89 7.92
N LEU B 31 -8.68 -25.64 6.64
CA LEU B 31 -7.31 -25.70 6.13
C LEU B 31 -6.46 -24.59 6.71
N MET B 32 -7.06 -23.43 6.97
CA MET B 32 -6.34 -22.33 7.62
C MET B 32 -5.90 -22.73 9.02
N LYS B 33 -6.76 -23.44 9.75
CA LYS B 33 -6.39 -23.88 11.09
C LYS B 33 -5.25 -24.90 11.01
N ILE B 34 -5.32 -25.81 10.05
CA ILE B 34 -4.23 -26.77 9.85
C ILE B 34 -2.93 -26.03 9.52
N ALA B 35 -3.00 -25.05 8.62
CA ALA B 35 -1.82 -24.24 8.31
C ALA B 35 -1.31 -23.50 9.54
N ASP B 36 -2.22 -23.02 10.40
CA ASP B 36 -1.79 -22.40 11.66
C ASP B 36 -0.94 -23.34 12.49
N GLU B 37 -1.34 -24.61 12.55
CA GLU B 37 -0.61 -25.60 13.33
C GLU B 37 0.65 -26.06 12.62
N LEU B 38 0.56 -26.34 11.32
CA LEU B 38 1.67 -27.02 10.65
C LEU B 38 2.66 -26.08 9.99
N GLY B 39 2.28 -24.83 9.74
CA GLY B 39 3.22 -23.91 9.15
C GLY B 39 3.03 -23.65 7.67
N GLU B 40 4.13 -23.29 7.00
CA GLU B 40 4.07 -22.73 5.66
C GLU B 40 3.69 -23.75 4.58
N ILE B 41 3.80 -25.05 4.87
CA ILE B 41 3.50 -26.05 3.85
C ILE B 41 3.12 -27.35 4.56
N PHE B 42 2.06 -27.98 4.09
CA PHE B 42 1.73 -29.31 4.55
C PHE B 42 1.22 -30.16 3.39
N LYS B 43 1.49 -31.45 3.48
CA LYS B 43 1.03 -32.42 2.50
C LYS B 43 -0.40 -32.83 2.82
N PHE B 44 -1.22 -32.98 1.78
CA PHE B 44 -2.60 -33.41 1.94
C PHE B 44 -2.82 -34.58 0.99
N GLU B 45 -3.03 -35.76 1.54
CA GLU B 45 -3.16 -36.97 0.76
C GLU B 45 -4.60 -37.47 0.78
N ALA B 46 -5.01 -38.06 -0.34
CA ALA B 46 -6.31 -38.73 -0.46
C ALA B 46 -6.09 -39.95 -1.35
N PRO B 47 -7.07 -40.85 -1.45
CA PRO B 47 -6.96 -41.95 -2.42
C PRO B 47 -6.78 -41.39 -3.83
N GLY B 48 -5.64 -41.71 -4.44
CA GLY B 48 -5.36 -41.29 -5.79
C GLY B 48 -5.01 -39.82 -5.96
N ARG B 49 -4.63 -39.13 -4.89
CA ARG B 49 -4.42 -37.69 -4.94
C ARG B 49 -3.42 -37.30 -3.87
N VAL B 50 -2.44 -36.49 -4.25
CA VAL B 50 -1.50 -35.86 -3.34
C VAL B 50 -1.39 -34.39 -3.75
N THR B 51 -1.55 -33.50 -2.79
CA THR B 51 -1.30 -32.09 -3.04
C THR B 51 -0.61 -31.50 -1.82
N ARG B 52 -0.15 -30.26 -1.94
CA ARG B 52 0.57 -29.60 -0.87
C ARG B 52 0.03 -28.17 -0.75
N TYR B 53 -0.35 -27.77 0.46
CA TYR B 53 -0.94 -26.45 0.69
C TYR B 53 0.14 -25.46 1.12
N LEU B 54 0.28 -24.37 0.36
CA LEU B 54 1.26 -23.32 0.62
C LEU B 54 0.62 -22.12 1.31
N SER B 55 1.30 -21.61 2.35
CA SER B 55 0.78 -20.49 3.15
C SER B 55 1.74 -19.32 3.31
N SER B 56 3.03 -19.46 2.98
CA SER B 56 3.99 -18.39 3.20
C SER B 56 4.32 -17.67 1.91
N GLN B 57 4.57 -16.37 2.02
CA GLN B 57 5.01 -15.61 0.86
C GLN B 57 6.31 -16.19 0.29
N ARG B 58 7.20 -16.69 1.17
CA ARG B 58 8.47 -17.29 0.77
C ARG B 58 8.29 -18.38 -0.27
N LEU B 59 7.36 -19.30 -0.01
CA LEU B 59 7.17 -20.43 -0.92
C LEU B 59 6.25 -20.07 -2.08
N ILE B 60 5.24 -19.22 -1.83
CA ILE B 60 4.29 -18.90 -2.89
C ILE B 60 4.93 -18.02 -3.97
N LYS B 61 5.93 -17.22 -3.60
CA LYS B 61 6.59 -16.42 -4.62
C LYS B 61 7.35 -17.31 -5.60
N GLU B 62 7.80 -18.48 -5.16
CA GLU B 62 8.37 -19.45 -6.09
C GLU B 62 7.30 -20.16 -6.90
N ALA B 63 6.22 -20.59 -6.24
CA ALA B 63 5.15 -21.25 -6.97
C ALA B 63 4.58 -20.35 -8.06
N CYS B 64 4.67 -19.03 -7.85
CA CYS B 64 4.19 -18.06 -8.83
C CYS B 64 5.20 -17.78 -9.94
N ASP B 65 6.35 -18.46 -9.94
CA ASP B 65 7.30 -18.39 -11.04
C ASP B 65 6.72 -19.18 -12.21
N GLU B 66 6.29 -18.47 -13.26
CA GLU B 66 5.61 -19.15 -14.36
C GLU B 66 6.55 -20.00 -15.20
N SER B 67 7.86 -19.76 -15.13
CA SER B 67 8.78 -20.66 -15.81
C SER B 67 8.90 -22.00 -15.11
N ARG B 68 8.46 -22.08 -13.84
CA ARG B 68 8.55 -23.32 -13.09
C ARG B 68 7.21 -23.99 -12.84
N PHE B 69 6.12 -23.22 -12.71
CA PHE B 69 4.80 -23.75 -12.39
C PHE B 69 3.77 -23.11 -13.30
N ASP B 70 2.77 -23.91 -13.67
CA ASP B 70 1.64 -23.48 -14.47
C ASP B 70 0.36 -23.73 -13.69
N LYS B 71 -0.73 -23.09 -14.11
CA LYS B 71 -2.01 -23.29 -13.43
C LYS B 71 -2.46 -24.73 -13.58
N ASN B 72 -2.91 -25.31 -12.46
CA ASN B 72 -3.53 -26.61 -12.46
C ASN B 72 -5.04 -26.47 -12.21
N LEU B 73 -5.81 -27.37 -12.79
CA LEU B 73 -7.24 -27.44 -12.47
C LEU B 73 -7.41 -28.27 -11.21
N SER B 74 -7.75 -27.60 -10.11
CA SER B 74 -8.14 -28.29 -8.88
C SER B 74 -9.35 -29.19 -9.15
N GLN B 75 -9.64 -30.07 -8.19
CA GLN B 75 -10.84 -30.90 -8.34
C GLN B 75 -12.10 -30.04 -8.40
N ALA B 76 -12.12 -28.90 -7.71
CA ALA B 76 -13.26 -27.99 -7.83
C ALA B 76 -13.42 -27.50 -9.27
N LEU B 77 -12.31 -27.04 -9.87
CA LEU B 77 -12.37 -26.49 -11.22
C LEU B 77 -12.72 -27.56 -12.25
N LYS B 78 -12.24 -28.79 -12.06
CA LYS B 78 -12.62 -29.86 -12.97
C LYS B 78 -14.11 -30.14 -12.90
N PHE B 79 -14.70 -30.02 -11.71
CA PHE B 79 -16.14 -30.22 -11.60
C PHE B 79 -16.91 -29.05 -12.19
N VAL B 80 -16.38 -27.84 -12.04
CA VAL B 80 -16.99 -26.66 -12.65
C VAL B 80 -16.86 -26.71 -14.16
N ARG B 81 -15.81 -27.36 -14.67
CA ARG B 81 -15.60 -27.46 -16.11
C ARG B 81 -16.76 -28.17 -16.80
N ASP B 82 -17.46 -29.05 -16.09
CA ASP B 82 -18.59 -29.76 -16.69
C ASP B 82 -19.72 -28.82 -17.10
N PHE B 83 -19.76 -27.58 -16.61
CA PHE B 83 -20.67 -26.59 -17.16
C PHE B 83 -20.00 -25.29 -17.58
N ALA B 84 -18.77 -25.02 -17.15
CA ALA B 84 -18.03 -23.87 -17.65
C ALA B 84 -17.18 -24.22 -18.87
N GLY B 85 -17.10 -25.50 -19.23
CA GLY B 85 -16.45 -25.92 -20.47
C GLY B 85 -15.01 -25.49 -20.54
N ASP B 86 -14.57 -25.15 -21.75
CA ASP B 86 -13.25 -24.55 -21.93
C ASP B 86 -13.34 -23.02 -21.97
N GLY B 87 -14.22 -22.46 -21.13
CA GLY B 87 -14.09 -21.07 -20.74
C GLY B 87 -12.74 -20.82 -20.09
N LEU B 88 -12.44 -19.54 -19.87
CA LEU B 88 -11.09 -19.13 -19.47
C LEU B 88 -10.67 -19.74 -18.14
N ALA B 89 -11.56 -19.80 -17.17
CA ALA B 89 -11.18 -20.20 -15.81
C ALA B 89 -10.99 -21.70 -15.67
N THR B 90 -11.57 -22.51 -16.55
CA THR B 90 -11.54 -23.96 -16.42
C THR B 90 -10.84 -24.65 -17.58
N SER B 91 -9.94 -23.95 -18.25
CA SER B 91 -9.20 -24.52 -19.36
CA SER B 91 -9.20 -24.52 -19.36
C SER B 91 -7.71 -24.50 -19.03
N TRP B 92 -6.98 -25.47 -19.59
CA TRP B 92 -5.54 -25.51 -19.35
C TRP B 92 -4.85 -24.48 -20.22
N THR B 93 -3.71 -23.98 -19.73
CA THR B 93 -2.95 -22.97 -20.47
C THR B 93 -2.54 -23.46 -21.86
N HIS B 94 -2.29 -24.75 -22.01
CA HIS B 94 -1.86 -25.32 -23.28
C HIS B 94 -3.00 -25.67 -24.21
N GLU B 95 -4.26 -25.49 -23.79
CA GLU B 95 -5.39 -25.70 -24.68
C GLU B 95 -5.56 -24.49 -25.59
N LYS B 96 -5.75 -24.75 -26.89
CA LYS B 96 -5.82 -23.68 -27.87
C LYS B 96 -6.85 -22.62 -27.49
N ASN B 97 -7.99 -23.05 -26.97
CA ASN B 97 -9.03 -22.08 -26.65
C ASN B 97 -8.70 -21.15 -25.50
N TRP B 98 -7.70 -21.47 -24.65
CA TRP B 98 -7.38 -20.54 -23.57
C TRP B 98 -6.70 -19.29 -24.11
N LYS B 99 -5.57 -19.46 -24.80
CA LYS B 99 -4.82 -18.32 -25.33
C LYS B 99 -5.66 -17.55 -26.35
N LYS B 100 -6.46 -18.28 -27.12
CA LYS B 100 -7.32 -17.65 -28.11
C LYS B 100 -8.29 -16.69 -27.44
N ALA B 101 -9.08 -17.19 -26.49
CA ALA B 101 -10.03 -16.34 -25.78
C ALA B 101 -9.32 -15.29 -24.94
N HIS B 102 -8.16 -15.64 -24.36
CA HIS B 102 -7.39 -14.68 -23.58
C HIS B 102 -7.02 -13.46 -24.41
N ASN B 103 -6.46 -13.69 -25.61
CA ASN B 103 -6.08 -12.59 -26.49
C ASN B 103 -7.29 -11.75 -26.91
N ILE B 104 -8.42 -12.40 -27.19
CA ILE B 104 -9.57 -11.65 -27.66
C ILE B 104 -10.16 -10.83 -26.51
N LEU B 105 -10.21 -11.41 -25.31
CA LEU B 105 -10.96 -10.81 -24.22
C LEU B 105 -10.17 -9.82 -23.38
N LEU B 106 -8.84 -9.89 -23.39
CA LEU B 106 -8.05 -8.97 -22.57
C LEU B 106 -8.36 -7.51 -22.83
N PRO B 107 -8.49 -7.04 -24.08
CA PRO B 107 -8.81 -5.60 -24.28
C PRO B 107 -10.19 -5.20 -23.79
N SER B 108 -11.14 -6.11 -23.71
CA SER B 108 -12.46 -5.74 -23.23
C SER B 108 -12.59 -5.84 -21.71
N PHE B 109 -11.50 -6.17 -21.00
CA PHE B 109 -11.46 -6.17 -19.55
C PHE B 109 -10.46 -5.16 -18.98
N SER B 110 -9.84 -4.34 -19.82
CA SER B 110 -8.85 -3.39 -19.35
C SER B 110 -9.51 -2.28 -18.53
N GLN B 111 -8.67 -1.49 -17.84
CA GLN B 111 -9.17 -0.32 -17.14
C GLN B 111 -9.86 0.64 -18.11
N GLN B 112 -9.31 0.79 -19.31
CA GLN B 112 -9.93 1.65 -20.31
C GLN B 112 -11.29 1.12 -20.74
N ALA B 113 -11.45 -0.21 -20.71
CA ALA B 113 -12.72 -0.82 -21.11
C ALA B 113 -13.82 -0.61 -20.07
N MET B 114 -13.49 -0.29 -18.82
CA MET B 114 -14.53 -0.06 -17.84
C MET B 114 -15.36 1.20 -18.12
N LYS B 115 -14.82 2.15 -18.90
CA LYS B 115 -15.62 3.29 -19.34
C LYS B 115 -16.87 2.86 -20.09
N GLY B 116 -16.79 1.76 -20.85
CA GLY B 116 -17.95 1.30 -21.61
C GLY B 116 -18.95 0.50 -20.81
N TYR B 117 -18.53 -0.15 -19.73
CA TYR B 117 -19.45 -0.86 -18.86
C TYR B 117 -20.05 0.03 -17.78
N HIS B 118 -19.54 1.26 -17.62
CA HIS B 118 -19.88 2.06 -16.45
C HIS B 118 -21.37 2.34 -16.38
N ALA B 119 -21.99 2.68 -17.51
CA ALA B 119 -23.40 3.04 -17.50
C ALA B 119 -24.27 1.87 -17.05
N MET B 120 -23.94 0.66 -17.51
CA MET B 120 -24.74 -0.50 -17.12
C MET B 120 -24.57 -0.82 -15.65
N MET B 121 -23.32 -0.74 -15.15
CA MET B 121 -23.07 -0.92 -13.73
C MET B 121 -23.87 0.08 -12.89
N VAL B 122 -23.91 1.34 -13.32
CA VAL B 122 -24.68 2.35 -12.60
C VAL B 122 -26.16 1.99 -12.59
N ASP B 123 -26.68 1.50 -13.71
CA ASP B 123 -28.09 1.11 -13.81
C ASP B 123 -28.49 0.18 -12.66
N ILE B 124 -27.71 -0.88 -12.44
CA ILE B 124 -28.05 -1.84 -11.38
C ILE B 124 -27.77 -1.23 -10.00
N ALA B 125 -26.69 -0.43 -9.89
CA ALA B 125 -26.36 0.15 -8.60
C ALA B 125 -27.45 1.12 -8.13
N VAL B 126 -28.02 1.88 -9.06
CA VAL B 126 -29.13 2.76 -8.72
C VAL B 126 -30.32 1.94 -8.25
N GLN B 127 -30.58 0.81 -8.90
CA GLN B 127 -31.64 -0.09 -8.43
C GLN B 127 -31.40 -0.50 -6.98
N LEU B 128 -30.15 -0.84 -6.64
CA LEU B 128 -29.85 -1.20 -5.26
C LEU B 128 -30.11 -0.04 -4.31
N VAL B 129 -29.61 1.16 -4.65
CA VAL B 129 -29.84 2.31 -3.79
C VAL B 129 -31.33 2.59 -3.65
N GLN B 130 -32.09 2.50 -4.76
CA GLN B 130 -33.52 2.77 -4.70
C GLN B 130 -34.24 1.75 -3.83
N LYS B 131 -33.83 0.47 -3.91
CA LYS B 131 -34.44 -0.52 -3.02
C LYS B 131 -34.29 -0.11 -1.56
N TRP B 132 -33.08 0.30 -1.17
CA TRP B 132 -32.83 0.63 0.23
C TRP B 132 -33.49 1.96 0.63
N GLU B 133 -33.55 2.93 -0.29
CA GLU B 133 -34.29 4.16 -0.02
C GLU B 133 -35.77 3.88 0.26
N ARG B 134 -36.29 2.78 -0.29
CA ARG B 134 -37.71 2.46 -0.18
C ARG B 134 -38.02 1.50 0.97
N LEU B 135 -37.04 1.17 1.78
CA LEU B 135 -37.31 0.34 2.95
C LEU B 135 -38.08 1.15 3.99
N ASN B 136 -38.93 0.44 4.74
CA ASN B 136 -39.63 1.10 5.84
C ASN B 136 -38.74 1.13 7.07
N ALA B 137 -39.15 1.91 8.07
CA ALA B 137 -38.38 2.06 9.29
C ALA B 137 -38.21 0.71 9.99
N ASP B 138 -37.00 0.45 10.46
CA ASP B 138 -36.71 -0.76 11.21
C ASP B 138 -36.93 -2.04 10.40
N GLU B 139 -37.26 -1.92 9.11
CA GLU B 139 -36.89 -2.99 8.19
C GLU B 139 -35.37 -3.01 8.06
N HIS B 140 -34.82 -4.13 7.59
CA HIS B 140 -33.37 -4.24 7.50
C HIS B 140 -32.95 -4.83 6.16
N ILE B 141 -31.64 -4.86 5.95
CA ILE B 141 -31.02 -5.30 4.71
C ILE B 141 -30.36 -6.65 4.94
N GLU B 142 -30.57 -7.59 4.01
CA GLU B 142 -29.84 -8.85 3.98
C GLU B 142 -28.68 -8.62 3.00
N VAL B 143 -27.49 -8.44 3.54
CA VAL B 143 -26.41 -7.83 2.78
C VAL B 143 -25.93 -8.73 1.65
N PRO B 144 -25.44 -9.96 1.91
CA PRO B 144 -24.94 -10.78 0.78
C PRO B 144 -26.03 -11.09 -0.23
N GLU B 145 -27.29 -11.22 0.22
CA GLU B 145 -28.40 -11.47 -0.71
C GLU B 145 -28.56 -10.31 -1.70
N ASP B 146 -28.57 -9.07 -1.19
CA ASP B 146 -28.70 -7.92 -2.08
C ASP B 146 -27.43 -7.68 -2.90
N MET B 147 -26.26 -7.92 -2.30
CA MET B 147 -25.03 -7.79 -3.07
C MET B 147 -25.01 -8.78 -4.23
N THR B 148 -25.47 -10.01 -3.99
CA THR B 148 -25.51 -11.00 -5.05
C THR B 148 -26.51 -10.63 -6.14
N ARG B 149 -27.66 -10.08 -5.76
CA ARG B 149 -28.60 -9.57 -6.76
C ARG B 149 -27.93 -8.54 -7.65
N LEU B 150 -27.15 -7.66 -7.06
CA LEU B 150 -26.43 -6.57 -7.76
C LEU B 150 -25.38 -7.13 -8.72
N THR B 151 -24.54 -8.05 -8.24
CA THR B 151 -23.44 -8.51 -9.08
C THR B 151 -23.92 -9.42 -10.21
N LEU B 152 -24.90 -10.28 -9.94
CA LEU B 152 -25.46 -11.12 -11.00
C LEU B 152 -26.10 -10.27 -12.08
N ASP B 153 -26.91 -9.29 -11.69
CA ASP B 153 -27.59 -8.47 -12.68
C ASP B 153 -26.58 -7.62 -13.44
N THR B 154 -25.56 -7.14 -12.75
CA THR B 154 -24.55 -6.34 -13.42
C THR B 154 -23.79 -7.16 -14.45
N ILE B 155 -23.43 -8.40 -14.09
CA ILE B 155 -22.71 -9.25 -15.05
C ILE B 155 -23.65 -9.67 -16.18
N GLY B 156 -24.94 -9.87 -15.88
CA GLY B 156 -25.88 -10.17 -16.95
C GLY B 156 -25.99 -9.05 -17.97
N LEU B 157 -26.06 -7.80 -17.49
CA LEU B 157 -26.20 -6.65 -18.37
C LEU B 157 -24.90 -6.35 -19.11
N CYS B 158 -23.79 -6.31 -18.36
CA CYS B 158 -22.50 -6.03 -18.99
C CYS B 158 -22.03 -7.19 -19.85
N GLY B 159 -22.42 -8.42 -19.50
CA GLY B 159 -21.94 -9.56 -20.23
C GLY B 159 -22.67 -9.77 -21.54
N PHE B 160 -24.00 -9.82 -21.52
CA PHE B 160 -24.73 -10.15 -22.74
C PHE B 160 -26.05 -9.39 -22.82
N ASN B 161 -26.10 -8.20 -22.21
CA ASN B 161 -27.23 -7.27 -22.31
C ASN B 161 -28.56 -7.92 -21.93
N TYR B 162 -28.53 -8.73 -20.87
CA TYR B 162 -29.70 -9.46 -20.41
C TYR B 162 -30.05 -9.04 -19.00
N ARG B 163 -31.33 -8.82 -18.75
CA ARG B 163 -31.79 -8.35 -17.44
C ARG B 163 -32.38 -9.51 -16.66
N PHE B 164 -31.62 -10.01 -15.68
CA PHE B 164 -32.16 -10.99 -14.74
C PHE B 164 -33.25 -10.38 -13.85
N ASN B 165 -33.28 -9.05 -13.74
CA ASN B 165 -34.30 -8.36 -12.94
C ASN B 165 -34.39 -8.93 -11.51
N SER B 166 -33.23 -9.13 -10.89
CA SER B 166 -33.19 -9.77 -9.58
C SER B 166 -33.86 -8.92 -8.51
N PHE B 167 -33.91 -7.60 -8.70
CA PHE B 167 -34.55 -6.77 -7.69
C PHE B 167 -36.06 -6.74 -7.82
N TYR B 168 -36.63 -7.46 -8.79
CA TYR B 168 -38.07 -7.62 -8.89
C TYR B 168 -38.54 -8.96 -8.37
N ARG B 169 -37.68 -9.68 -7.66
CA ARG B 169 -37.91 -11.10 -7.42
C ARG B 169 -37.53 -11.48 -5.99
N ASP B 170 -38.24 -12.47 -5.47
CA ASP B 170 -37.77 -13.24 -4.33
C ASP B 170 -37.04 -14.51 -4.79
N GLN B 171 -37.68 -15.27 -5.68
CA GLN B 171 -37.05 -16.43 -6.29
C GLN B 171 -36.33 -16.00 -7.55
N PRO B 172 -35.03 -16.25 -7.67
CA PRO B 172 -34.26 -15.68 -8.80
C PRO B 172 -34.72 -16.26 -10.13
N HIS B 173 -34.26 -15.59 -11.17
CA HIS B 173 -34.41 -16.09 -12.54
C HIS B 173 -33.96 -17.54 -12.61
N PRO B 174 -34.70 -18.40 -13.33
CA PRO B 174 -34.32 -19.82 -13.42
C PRO B 174 -32.88 -20.09 -13.80
N PHE B 175 -32.25 -19.24 -14.62
CA PHE B 175 -30.84 -19.45 -14.92
C PHE B 175 -29.99 -19.39 -13.66
N ILE B 176 -30.28 -18.42 -12.79
CA ILE B 176 -29.51 -18.25 -11.56
C ILE B 176 -29.71 -19.45 -10.64
N THR B 177 -30.96 -19.90 -10.52
CA THR B 177 -31.26 -21.06 -9.69
C THR B 177 -30.50 -22.29 -10.17
N SER B 178 -30.52 -22.55 -11.48
CA SER B 178 -29.76 -23.68 -11.99
C SER B 178 -28.27 -23.51 -11.79
N MET B 179 -27.76 -22.29 -12.02
CA MET B 179 -26.32 -22.05 -11.85
C MET B 179 -25.87 -22.30 -10.41
N VAL B 180 -26.59 -21.72 -9.44
CA VAL B 180 -26.24 -21.91 -8.03
C VAL B 180 -26.32 -23.38 -7.66
N ARG B 181 -27.37 -24.06 -8.13
CA ARG B 181 -27.50 -25.49 -7.86
C ARG B 181 -26.41 -26.30 -8.56
N ALA B 182 -25.99 -25.86 -9.75
CA ALA B 182 -24.90 -26.56 -10.42
C ALA B 182 -23.60 -26.43 -9.62
N LEU B 183 -23.30 -25.23 -9.17
CA LEU B 183 -22.09 -24.98 -8.35
C LEU B 183 -22.17 -25.77 -7.05
N ASP B 184 -23.36 -25.80 -6.43
CA ASP B 184 -23.50 -26.55 -5.17
C ASP B 184 -23.22 -28.03 -5.43
N GLU B 185 -23.74 -28.58 -6.52
CA GLU B 185 -23.46 -30.00 -6.81
C GLU B 185 -21.97 -30.20 -7.05
N ALA B 186 -21.33 -29.25 -7.73
CA ALA B 186 -19.89 -29.35 -7.98
C ALA B 186 -19.11 -29.37 -6.67
N MET B 187 -19.44 -28.46 -5.73
CA MET B 187 -18.72 -28.43 -4.46
CA MET B 187 -18.71 -28.44 -4.48
C MET B 187 -19.03 -29.64 -3.61
N ASN B 188 -20.29 -30.10 -3.62
CA ASN B 188 -20.65 -31.26 -2.83
C ASN B 188 -19.95 -32.52 -3.34
N LYS B 189 -19.64 -32.59 -4.63
CA LYS B 189 -18.87 -33.71 -5.16
C LYS B 189 -17.48 -33.81 -4.54
N LEU B 190 -16.91 -32.70 -4.07
CA LEU B 190 -15.56 -32.80 -3.49
C LEU B 190 -15.59 -33.68 -2.25
N GLN B 191 -16.47 -33.33 -1.32
CA GLN B 191 -16.63 -33.90 0.04
C GLN B 191 -17.28 -35.29 0.02
N ARG B 192 -17.85 -35.67 -1.11
CA ARG B 192 -18.58 -36.96 -1.35
C ARG B 192 -17.60 -38.11 -1.21
N ASP B 197 -22.34 -44.04 -4.50
CA ASP B 197 -23.51 -44.61 -3.81
C ASP B 197 -24.71 -44.56 -4.73
N PRO B 198 -25.52 -45.63 -4.74
CA PRO B 198 -26.63 -45.70 -5.69
C PRO B 198 -27.64 -44.57 -5.52
N ALA B 199 -27.64 -43.86 -4.38
CA ALA B 199 -28.58 -42.80 -4.05
C ALA B 199 -28.30 -41.50 -4.78
N TYR B 200 -27.10 -41.34 -5.34
CA TYR B 200 -26.80 -40.09 -6.03
C TYR B 200 -27.42 -40.02 -7.41
N ASP B 201 -28.28 -40.95 -7.77
CA ASP B 201 -28.91 -40.91 -9.10
C ASP B 201 -29.77 -39.67 -9.29
N GLU B 202 -30.43 -39.18 -8.23
CA GLU B 202 -31.22 -37.95 -8.36
C GLU B 202 -30.31 -36.75 -8.59
N ASN B 203 -29.12 -36.75 -7.99
CA ASN B 203 -28.22 -35.61 -8.12
C ASN B 203 -27.75 -35.36 -9.56
N LYS B 204 -27.25 -36.38 -10.28
CA LYS B 204 -26.77 -36.11 -11.64
C LYS B 204 -27.91 -35.76 -12.58
N ARG B 205 -29.09 -36.37 -12.39
CA ARG B 205 -30.20 -36.01 -13.25
C ARG B 205 -30.53 -34.54 -13.11
N GLN B 206 -30.46 -34.01 -11.88
CA GLN B 206 -30.69 -32.59 -11.67
C GLN B 206 -29.55 -31.76 -12.24
N PHE B 207 -28.31 -32.22 -12.06
CA PHE B 207 -27.14 -31.52 -12.60
C PHE B 207 -27.26 -31.37 -14.11
N GLN B 208 -27.62 -32.45 -14.81
CA GLN B 208 -27.79 -32.36 -16.26
C GLN B 208 -28.95 -31.45 -16.63
N GLU B 209 -30.00 -31.42 -15.81
CA GLU B 209 -31.09 -30.49 -16.08
C GLU B 209 -30.65 -29.04 -15.92
N ASP B 210 -29.85 -28.76 -14.90
CA ASP B 210 -29.35 -27.40 -14.69
C ASP B 210 -28.35 -27.00 -15.75
N ILE B 211 -27.52 -27.94 -16.22
CA ILE B 211 -26.63 -27.65 -17.32
C ILE B 211 -27.41 -27.24 -18.56
N LYS B 212 -28.49 -27.97 -18.86
CA LYS B 212 -29.30 -27.66 -20.04
C LYS B 212 -29.96 -26.30 -19.93
N VAL B 213 -30.43 -25.93 -18.73
CA VAL B 213 -31.04 -24.63 -18.52
C VAL B 213 -30.06 -23.52 -18.86
N MET B 214 -28.82 -23.63 -18.36
CA MET B 214 -27.83 -22.59 -18.64
C MET B 214 -27.50 -22.52 -20.14
N ASN B 215 -27.24 -23.67 -20.75
CA ASN B 215 -26.88 -23.72 -22.15
C ASN B 215 -27.99 -23.15 -23.03
N ASP B 216 -29.25 -23.53 -22.74
CA ASP B 216 -30.36 -23.10 -23.58
C ASP B 216 -30.51 -21.58 -23.57
N LEU B 217 -30.52 -20.97 -22.38
CA LEU B 217 -30.69 -19.51 -22.31
C LEU B 217 -29.53 -18.79 -22.98
N VAL B 218 -28.31 -19.22 -22.70
CA VAL B 218 -27.15 -18.53 -23.29
C VAL B 218 -27.10 -18.76 -24.79
N ASP B 219 -27.33 -20.01 -25.25
CA ASP B 219 -27.30 -20.25 -26.69
C ASP B 219 -28.41 -19.46 -27.40
N LYS B 220 -29.57 -19.33 -26.75
CA LYS B 220 -30.66 -18.57 -27.35
C LYS B 220 -30.28 -17.10 -27.50
N ILE B 221 -29.70 -16.50 -26.45
CA ILE B 221 -29.33 -15.09 -26.52
C ILE B 221 -28.26 -14.86 -27.58
N ILE B 222 -27.29 -15.77 -27.67
CA ILE B 222 -26.28 -15.66 -28.73
C ILE B 222 -26.96 -15.74 -30.09
N ALA B 223 -27.83 -16.74 -30.27
CA ALA B 223 -28.53 -16.88 -31.55
C ALA B 223 -29.41 -15.67 -31.86
N ASP B 224 -30.13 -15.17 -30.86
CA ASP B 224 -30.93 -13.96 -31.08
C ASP B 224 -30.07 -12.78 -31.52
N ARG B 225 -28.91 -12.60 -30.87
CA ARG B 225 -28.06 -11.45 -31.19
C ARG B 225 -27.50 -11.54 -32.61
N LYS B 226 -27.08 -12.73 -33.03
CA LYS B 226 -26.54 -12.90 -34.38
C LYS B 226 -27.61 -12.64 -35.42
N ALA B 227 -28.84 -13.13 -35.17
CA ALA B 227 -29.95 -12.88 -36.09
C ALA B 227 -30.25 -11.39 -36.21
N SER B 228 -30.23 -10.67 -35.08
CA SER B 228 -30.55 -9.25 -35.09
C SER B 228 -29.45 -8.43 -35.74
N GLY B 229 -28.19 -8.75 -35.42
CA GLY B 229 -27.08 -7.94 -35.82
C GLY B 229 -26.91 -6.68 -34.99
N GLU B 230 -27.69 -6.51 -33.94
CA GLU B 230 -27.58 -5.30 -33.14
C GLU B 230 -26.28 -5.34 -32.33
N GLN B 231 -25.75 -4.15 -32.07
CA GLN B 231 -24.50 -3.96 -31.36
C GLN B 231 -24.76 -3.29 -30.02
N SER B 232 -24.21 -3.86 -28.96
CA SER B 232 -24.34 -3.31 -27.62
C SER B 232 -22.96 -3.08 -27.02
N ASP B 233 -22.93 -2.49 -25.83
CA ASP B 233 -21.69 -2.26 -25.11
C ASP B 233 -21.32 -3.42 -24.21
N ASP B 234 -21.63 -4.65 -24.64
CA ASP B 234 -21.45 -5.82 -23.79
C ASP B 234 -20.33 -6.71 -24.33
N LEU B 235 -19.94 -7.65 -23.47
CA LEU B 235 -18.90 -8.61 -23.84
C LEU B 235 -19.34 -9.51 -25.00
N LEU B 236 -20.65 -9.78 -25.10
CA LEU B 236 -21.13 -10.64 -26.17
C LEU B 236 -20.85 -10.02 -27.53
N THR B 237 -21.09 -8.72 -27.67
CA THR B 237 -20.80 -8.03 -28.92
C THR B 237 -19.31 -8.12 -29.25
N HIS B 238 -18.46 -7.86 -28.26
CA HIS B 238 -17.01 -7.96 -28.47
C HIS B 238 -16.63 -9.37 -28.93
N MET B 239 -17.24 -10.40 -28.36
CA MET B 239 -16.89 -11.77 -28.70
C MET B 239 -17.43 -12.19 -30.06
N LEU B 240 -18.57 -11.64 -30.50
CA LEU B 240 -19.03 -11.95 -31.85
C LEU B 240 -18.17 -11.27 -32.90
N ASN B 241 -17.51 -10.17 -32.55
CA ASN B 241 -16.71 -9.39 -33.49
C ASN B 241 -15.21 -9.55 -33.33
N GLY B 242 -14.73 -10.13 -32.23
CA GLY B 242 -13.31 -10.18 -31.98
C GLY B 242 -12.61 -11.28 -32.76
N LYS B 243 -11.38 -10.99 -33.16
CA LYS B 243 -10.52 -12.01 -33.77
C LYS B 243 -9.19 -12.05 -33.03
N ASP B 244 -8.78 -13.26 -32.64
CA ASP B 244 -7.49 -13.50 -32.02
C ASP B 244 -6.37 -13.10 -32.98
N PRO B 245 -5.51 -12.14 -32.63
CA PRO B 245 -4.43 -11.75 -33.54
C PRO B 245 -3.52 -12.90 -33.90
N GLU B 246 -3.32 -13.87 -33.01
CA GLU B 246 -2.37 -14.95 -33.26
C GLU B 246 -2.92 -15.96 -34.27
N THR B 247 -4.01 -16.65 -33.93
CA THR B 247 -4.59 -17.61 -34.88
C THR B 247 -5.41 -16.94 -35.97
N GLY B 248 -5.77 -15.67 -35.80
CA GLY B 248 -6.66 -15.03 -36.75
C GLY B 248 -8.10 -15.48 -36.67
N GLU B 249 -8.44 -16.36 -35.73
CA GLU B 249 -9.75 -16.98 -35.57
C GLU B 249 -10.62 -16.20 -34.59
N PRO B 250 -11.93 -16.26 -34.79
CA PRO B 250 -12.86 -15.80 -33.75
C PRO B 250 -13.24 -16.94 -32.82
N LEU B 251 -13.80 -16.58 -31.67
CA LEU B 251 -14.41 -17.59 -30.82
C LEU B 251 -15.66 -18.12 -31.50
N ASP B 252 -15.84 -19.43 -31.44
CA ASP B 252 -17.07 -20.02 -31.95
C ASP B 252 -18.20 -19.88 -30.93
N ASP B 253 -19.44 -20.13 -31.39
CA ASP B 253 -20.61 -19.86 -30.57
C ASP B 253 -20.61 -20.70 -29.29
N GLU B 254 -20.10 -21.93 -29.35
CA GLU B 254 -20.09 -22.76 -28.15
C GLU B 254 -19.14 -22.20 -27.10
N ASN B 255 -17.95 -21.78 -27.51
CA ASN B 255 -17.01 -21.21 -26.55
C ASN B 255 -17.50 -19.86 -26.03
N ILE B 256 -18.13 -19.05 -26.90
CA ILE B 256 -18.71 -17.80 -26.42
C ILE B 256 -19.70 -18.07 -25.30
N ARG B 257 -20.54 -19.10 -25.48
CA ARG B 257 -21.45 -19.49 -24.41
C ARG B 257 -20.69 -19.78 -23.12
N TYR B 258 -19.61 -20.57 -23.22
CA TYR B 258 -18.86 -20.97 -22.02
C TYR B 258 -18.22 -19.76 -21.34
N GLN B 259 -17.77 -18.77 -22.12
CA GLN B 259 -17.23 -17.56 -21.51
C GLN B 259 -18.31 -16.81 -20.73
N ILE B 260 -19.53 -16.74 -21.28
CA ILE B 260 -20.61 -16.02 -20.60
C ILE B 260 -20.95 -16.72 -19.30
N ILE B 261 -21.16 -18.03 -19.36
CA ILE B 261 -21.36 -18.80 -18.13
C ILE B 261 -20.18 -18.61 -17.20
N THR B 262 -18.95 -18.55 -17.73
CA THR B 262 -17.79 -18.38 -16.87
C THR B 262 -17.83 -17.02 -16.15
N PHE B 263 -18.13 -15.94 -16.87
CA PHE B 263 -18.22 -14.64 -16.23
C PHE B 263 -19.21 -14.66 -15.06
N LEU B 264 -20.36 -15.31 -15.26
CA LEU B 264 -21.35 -15.38 -14.19
C LEU B 264 -20.85 -16.19 -13.01
N ILE B 265 -20.20 -17.33 -13.28
CA ILE B 265 -19.65 -18.16 -12.21
C ILE B 265 -18.51 -17.44 -11.50
N ALA B 266 -17.51 -17.00 -12.28
CA ALA B 266 -16.28 -16.48 -11.69
C ALA B 266 -16.49 -15.10 -11.05
N GLY B 267 -17.50 -14.37 -11.52
CA GLY B 267 -17.63 -12.98 -11.13
C GLY B 267 -18.64 -12.66 -10.06
N HIS B 268 -19.79 -13.35 -10.02
CA HIS B 268 -20.91 -12.82 -9.25
C HIS B 268 -20.70 -12.98 -7.74
N GLU B 269 -20.32 -14.17 -7.27
CA GLU B 269 -20.25 -14.31 -5.82
C GLU B 269 -18.90 -13.92 -5.24
N THR B 270 -17.82 -14.03 -6.01
CA THR B 270 -16.56 -13.41 -5.58
C THR B 270 -16.79 -11.93 -5.29
N THR B 271 -17.45 -11.24 -6.23
CA THR B 271 -17.61 -9.80 -6.10
C THR B 271 -18.63 -9.44 -5.04
N SER B 272 -19.72 -10.22 -4.91
CA SER B 272 -20.69 -9.87 -3.89
C SER B 272 -20.15 -10.18 -2.50
N GLY B 273 -19.39 -11.26 -2.37
CA GLY B 273 -18.71 -11.53 -1.11
C GLY B 273 -17.76 -10.41 -0.73
N LEU B 274 -17.03 -9.86 -1.70
CA LEU B 274 -16.16 -8.73 -1.39
C LEU B 274 -16.97 -7.57 -0.83
N LEU B 275 -18.02 -7.16 -1.55
CA LEU B 275 -18.86 -6.06 -1.07
C LEU B 275 -19.42 -6.36 0.32
N SER B 276 -19.84 -7.61 0.56
CA SER B 276 -20.43 -7.96 1.85
C SER B 276 -19.39 -7.89 2.96
N PHE B 277 -18.21 -8.46 2.73
CA PHE B 277 -17.14 -8.40 3.72
C PHE B 277 -16.70 -6.97 3.97
N ALA B 278 -16.63 -6.15 2.93
CA ALA B 278 -16.20 -4.78 3.12
C ALA B 278 -17.17 -4.03 4.04
N LEU B 279 -18.48 -4.17 3.79
CA LEU B 279 -19.48 -3.50 4.61
C LEU B 279 -19.45 -4.01 6.04
N TYR B 280 -19.23 -5.32 6.22
CA TYR B 280 -19.03 -5.88 7.54
C TYR B 280 -17.87 -5.22 8.27
N PHE B 281 -16.70 -5.14 7.63
CA PHE B 281 -15.58 -4.51 8.30
C PHE B 281 -15.83 -3.03 8.57
N LEU B 282 -16.56 -2.36 7.69
CA LEU B 282 -16.83 -0.94 7.89
C LEU B 282 -17.71 -0.70 9.12
N VAL B 283 -18.79 -1.49 9.27
CA VAL B 283 -19.65 -1.29 10.42
C VAL B 283 -18.97 -1.78 11.69
N LYS B 284 -17.98 -2.67 11.59
CA LYS B 284 -17.24 -3.05 12.78
C LYS B 284 -16.10 -2.08 13.12
N ASN B 285 -15.75 -1.17 12.21
CA ASN B 285 -14.61 -0.26 12.42
C ASN B 285 -15.09 1.15 12.09
N PRO B 286 -15.84 1.78 13.01
CA PRO B 286 -16.50 3.05 12.70
C PRO B 286 -15.56 4.16 12.29
N HIS B 287 -14.30 4.18 12.78
CA HIS B 287 -13.36 5.20 12.31
C HIS B 287 -13.09 5.02 10.81
N VAL B 288 -12.97 3.76 10.36
CA VAL B 288 -12.72 3.51 8.94
C VAL B 288 -13.91 3.93 8.10
N LEU B 289 -15.10 3.61 8.58
CA LEU B 289 -16.36 3.94 7.85
C LEU B 289 -16.46 5.45 7.70
N GLN B 290 -16.17 6.18 8.76
CA GLN B 290 -16.25 7.64 8.70
C GLN B 290 -15.30 8.21 7.66
N LYS B 291 -14.08 7.68 7.61
CA LYS B 291 -13.11 8.12 6.61
C LYS B 291 -13.57 7.75 5.20
N ALA B 292 -14.10 6.54 5.01
CA ALA B 292 -14.60 6.17 3.68
C ALA B 292 -15.83 6.98 3.30
N ALA B 293 -16.72 7.25 4.27
CA ALA B 293 -17.93 8.02 3.98
C ALA B 293 -17.59 9.47 3.61
N GLU B 294 -16.59 10.06 4.27
CA GLU B 294 -16.13 11.41 3.93
C GLU B 294 -15.66 11.48 2.49
N GLU B 295 -14.86 10.51 2.06
CA GLU B 295 -14.37 10.51 0.69
C GLU B 295 -15.52 10.39 -0.30
N ALA B 296 -16.47 9.49 -0.02
CA ALA B 296 -17.60 9.29 -0.91
C ALA B 296 -18.43 10.57 -1.06
N ALA B 297 -18.67 11.28 0.05
CA ALA B 297 -19.42 12.52 -0.04
C ALA B 297 -18.65 13.60 -0.78
N ARG B 298 -17.33 13.67 -0.57
CA ARG B 298 -16.53 14.69 -1.25
C ARG B 298 -16.37 14.39 -2.74
N VAL B 299 -16.27 13.11 -3.12
CA VAL B 299 -15.94 12.78 -4.51
C VAL B 299 -17.19 12.66 -5.38
N LEU B 300 -18.26 12.05 -4.86
CA LEU B 300 -19.45 11.74 -5.66
C LEU B 300 -20.43 12.92 -5.61
N VAL B 301 -20.01 14.00 -6.26
CA VAL B 301 -20.77 15.26 -6.19
C VAL B 301 -21.96 15.31 -7.12
N ASP B 302 -22.09 14.38 -8.05
CA ASP B 302 -23.20 14.41 -9.00
C ASP B 302 -24.24 13.36 -8.62
N PRO B 303 -25.49 13.52 -9.08
CA PRO B 303 -26.51 12.51 -8.76
C PRO B 303 -26.17 11.13 -9.29
N VAL B 304 -25.39 11.05 -10.36
CA VAL B 304 -24.93 9.79 -10.94
C VAL B 304 -23.41 9.84 -10.89
N PRO B 305 -22.75 8.84 -10.30
CA PRO B 305 -21.29 8.84 -10.33
C PRO B 305 -20.79 8.68 -11.76
N SER B 306 -19.71 9.38 -12.07
CA SER B 306 -19.03 9.23 -13.34
C SER B 306 -17.88 8.23 -13.23
N TYR B 307 -17.40 7.77 -14.38
CA TYR B 307 -16.25 6.88 -14.40
C TYR B 307 -15.05 7.53 -13.73
N LYS B 308 -14.79 8.82 -14.00
CA LYS B 308 -13.63 9.47 -13.42
C LYS B 308 -13.76 9.58 -11.90
N GLN B 309 -14.96 9.83 -11.39
CA GLN B 309 -15.15 9.95 -9.96
C GLN B 309 -14.88 8.65 -9.24
N VAL B 310 -15.20 7.51 -9.85
CA VAL B 310 -14.95 6.22 -9.21
C VAL B 310 -13.45 6.02 -8.99
N LYS B 311 -12.63 6.35 -9.99
CA LYS B 311 -11.19 6.24 -9.85
C LYS B 311 -10.65 7.11 -8.72
N GLN B 312 -11.36 8.18 -8.35
CA GLN B 312 -10.89 9.07 -7.29
C GLN B 312 -11.21 8.55 -5.90
N LEU B 313 -11.99 7.47 -5.76
CA LEU B 313 -12.36 6.91 -4.46
C LEU B 313 -11.21 6.06 -3.92
N LYS B 314 -10.10 6.73 -3.63
CA LYS B 314 -8.87 6.03 -3.28
C LYS B 314 -9.02 5.22 -2.00
N TYR B 315 -9.56 5.84 -0.94
CA TYR B 315 -9.71 5.13 0.33
C TYR B 315 -10.76 4.03 0.25
N VAL B 316 -11.82 4.22 -0.52
CA VAL B 316 -12.76 3.13 -0.76
C VAL B 316 -12.01 1.95 -1.38
N GLY B 317 -11.12 2.23 -2.32
CA GLY B 317 -10.29 1.16 -2.88
C GLY B 317 -9.42 0.48 -1.83
N MET B 318 -8.87 1.27 -0.90
CA MET B 318 -8.08 0.68 0.17
C MET B 318 -8.92 -0.22 1.06
N VAL B 319 -10.14 0.23 1.38
CA VAL B 319 -11.07 -0.60 2.14
C VAL B 319 -11.26 -1.94 1.43
N LEU B 320 -11.47 -1.91 0.10
CA LEU B 320 -11.72 -3.14 -0.63
C LEU B 320 -10.49 -4.05 -0.64
N ASN B 321 -9.29 -3.48 -0.79
CA ASN B 321 -8.09 -4.31 -0.76
C ASN B 321 -7.89 -4.95 0.59
N GLU B 322 -8.15 -4.22 1.67
CA GLU B 322 -7.97 -4.78 3.00
C GLU B 322 -9.03 -5.84 3.30
N ALA B 323 -10.24 -5.66 2.75
CA ALA B 323 -11.26 -6.72 2.85
C ALA B 323 -10.83 -7.95 2.05
N LEU B 324 -10.28 -7.74 0.86
CA LEU B 324 -9.71 -8.83 0.09
C LEU B 324 -8.51 -9.47 0.79
N ARG B 325 -7.75 -8.69 1.57
CA ARG B 325 -6.63 -9.30 2.29
C ARG B 325 -7.14 -10.30 3.32
N LEU B 326 -8.09 -9.89 4.16
CA LEU B 326 -8.55 -10.77 5.22
C LEU B 326 -9.36 -11.94 4.68
N TRP B 327 -10.27 -11.70 3.74
CA TRP B 327 -11.15 -12.77 3.25
C TRP B 327 -11.20 -12.75 1.73
N PRO B 328 -10.13 -13.20 1.08
CA PRO B 328 -10.14 -13.33 -0.39
C PRO B 328 -11.23 -14.31 -0.81
N THR B 329 -12.18 -13.81 -1.60
CA THR B 329 -13.41 -14.56 -1.82
C THR B 329 -13.26 -15.69 -2.82
N ALA B 330 -12.19 -15.70 -3.62
CA ALA B 330 -11.77 -16.88 -4.38
C ALA B 330 -10.56 -17.41 -3.64
N PRO B 331 -10.73 -18.28 -2.64
CA PRO B 331 -9.72 -18.40 -1.58
C PRO B 331 -8.53 -19.28 -1.91
N ALA B 332 -8.45 -19.88 -3.10
CA ALA B 332 -7.27 -20.68 -3.43
C ALA B 332 -7.14 -20.78 -4.95
N PHE B 333 -5.94 -21.15 -5.39
CA PHE B 333 -5.74 -21.56 -6.76
C PHE B 333 -4.66 -22.63 -6.76
N SER B 334 -4.54 -23.33 -7.89
CA SER B 334 -3.76 -24.55 -7.94
C SER B 334 -2.71 -24.47 -9.04
N LEU B 335 -1.58 -25.14 -8.79
CA LEU B 335 -0.45 -25.11 -9.70
C LEU B 335 0.16 -26.50 -9.81
N TYR B 336 0.90 -26.73 -10.90
CA TYR B 336 1.66 -27.96 -11.07
C TYR B 336 3.06 -27.60 -11.55
N ALA B 337 4.03 -28.43 -11.16
CA ALA B 337 5.42 -28.22 -11.55
C ALA B 337 5.59 -28.62 -13.01
N LYS B 338 6.11 -27.69 -13.81
CA LYS B 338 6.34 -27.99 -15.23
C LYS B 338 7.46 -29.00 -15.41
N GLU B 339 8.47 -28.96 -14.54
CA GLU B 339 9.57 -29.92 -14.54
C GLU B 339 9.96 -30.20 -13.10
N ASP B 340 10.81 -31.20 -12.93
CA ASP B 340 11.38 -31.56 -11.61
C ASP B 340 12.00 -30.29 -11.03
N THR B 341 11.68 -29.98 -9.77
CA THR B 341 12.18 -28.72 -9.20
C THR B 341 12.24 -28.81 -7.67
N VAL B 342 12.97 -27.92 -7.07
CA VAL B 342 13.10 -27.93 -5.60
C VAL B 342 12.41 -26.69 -5.05
N LEU B 343 11.48 -26.87 -4.14
CA LEU B 343 10.76 -25.71 -3.58
C LEU B 343 11.34 -25.30 -2.22
N GLY B 344 11.83 -24.06 -2.14
CA GLY B 344 12.26 -23.48 -0.86
C GLY B 344 13.62 -23.92 -0.35
N GLY B 345 14.33 -24.73 -1.11
CA GLY B 345 15.65 -25.26 -0.82
C GLY B 345 15.55 -26.53 -0.04
N GLU B 346 14.33 -27.01 0.20
CA GLU B 346 14.13 -28.24 1.00
C GLU B 346 13.04 -29.17 0.48
N TYR B 347 12.21 -28.73 -0.45
CA TYR B 347 11.13 -29.66 -0.86
C TYR B 347 11.21 -29.98 -2.35
N PRO B 348 11.75 -31.15 -2.72
CA PRO B 348 11.87 -31.50 -4.11
C PRO B 348 10.52 -31.92 -4.67
N LEU B 349 10.22 -31.46 -5.86
CA LEU B 349 8.94 -31.86 -6.49
C LEU B 349 9.25 -32.44 -7.86
N GLU B 350 8.51 -33.46 -8.25
CA GLU B 350 8.67 -34.07 -9.57
C GLU B 350 7.70 -33.39 -10.53
N LYS B 351 7.98 -33.50 -11.82
CA LYS B 351 7.11 -33.01 -12.87
C LYS B 351 5.69 -33.50 -12.65
N GLY B 352 4.74 -32.57 -12.74
CA GLY B 352 3.34 -32.89 -12.52
C GLY B 352 2.85 -32.72 -11.09
N ASP B 353 3.76 -32.64 -10.11
CA ASP B 353 3.31 -32.49 -8.73
C ASP B 353 2.49 -31.22 -8.55
N GLU B 354 1.46 -31.32 -7.73
CA GLU B 354 0.48 -30.27 -7.56
C GLU B 354 0.72 -29.46 -6.30
N LEU B 355 0.38 -28.17 -6.35
CA LEU B 355 0.43 -27.26 -5.22
C LEU B 355 -0.89 -26.52 -5.11
N MET B 356 -1.32 -26.24 -3.87
CA MET B 356 -2.46 -25.37 -3.61
C MET B 356 -1.97 -24.14 -2.87
N VAL B 357 -2.37 -22.97 -3.34
CA VAL B 357 -2.03 -21.71 -2.68
C VAL B 357 -3.20 -21.31 -1.80
N LEU B 358 -3.00 -21.32 -0.49
CA LEU B 358 -4.06 -20.98 0.47
C LEU B 358 -4.02 -19.47 0.71
N ILE B 359 -4.78 -18.73 -0.09
CA ILE B 359 -4.65 -17.27 -0.13
C ILE B 359 -4.89 -16.61 1.23
N PRO B 360 -5.93 -16.96 2.00
CA PRO B 360 -6.14 -16.26 3.28
C PRO B 360 -4.97 -16.42 4.23
N GLN B 361 -4.24 -17.55 4.15
CA GLN B 361 -3.05 -17.73 4.98
C GLN B 361 -1.90 -16.87 4.49
N LEU B 362 -1.69 -16.83 3.17
CA LEU B 362 -0.69 -15.94 2.59
C LEU B 362 -0.87 -14.51 3.09
N HIS B 363 -2.12 -14.05 3.13
CA HIS B 363 -2.44 -12.70 3.56
C HIS B 363 -2.33 -12.50 5.06
N ARG B 364 -2.00 -13.56 5.80
CA ARG B 364 -1.74 -13.44 7.23
C ARG B 364 -0.28 -13.70 7.59
N ASP B 365 0.59 -13.77 6.59
CA ASP B 365 2.01 -14.06 6.81
C ASP B 365 2.67 -12.91 7.58
N LYS B 366 2.93 -13.12 8.86
CA LYS B 366 3.42 -12.03 9.71
C LYS B 366 4.77 -11.52 9.24
N THR B 367 5.56 -12.36 8.57
CA THR B 367 6.85 -11.92 8.05
C THR B 367 6.71 -10.81 6.99
N ILE B 368 5.53 -10.66 6.40
CA ILE B 368 5.28 -9.62 5.40
C ILE B 368 4.46 -8.46 5.98
N TRP B 369 3.40 -8.77 6.73
CA TRP B 369 2.43 -7.77 7.12
C TRP B 369 2.62 -7.25 8.54
N GLY B 370 3.49 -7.88 9.34
CA GLY B 370 3.62 -7.50 10.73
C GLY B 370 2.76 -8.37 11.63
N ASP B 371 2.77 -8.02 12.92
CA ASP B 371 2.03 -8.80 13.90
C ASP B 371 0.53 -8.55 13.90
N ASP B 372 0.07 -7.42 13.36
CA ASP B 372 -1.36 -7.09 13.40
C ASP B 372 -2.14 -7.65 12.20
N VAL B 373 -1.87 -8.87 11.74
CA VAL B 373 -2.47 -9.37 10.50
C VAL B 373 -3.98 -9.52 10.59
N GLU B 374 -4.53 -9.68 11.79
CA GLU B 374 -5.96 -9.89 11.93
C GLU B 374 -6.75 -8.60 12.04
N GLU B 375 -6.07 -7.47 12.13
CA GLU B 375 -6.76 -6.19 12.24
C GLU B 375 -7.13 -5.67 10.85
N PHE B 376 -8.28 -5.02 10.77
CA PHE B 376 -8.75 -4.41 9.53
C PHE B 376 -8.22 -2.99 9.50
N ARG B 377 -7.16 -2.76 8.74
CA ARG B 377 -6.54 -1.44 8.65
C ARG B 377 -6.30 -1.13 7.19
N PRO B 378 -7.24 -0.44 6.55
CA PRO B 378 -7.05 -0.06 5.13
C PRO B 378 -5.79 0.75 4.90
N GLU B 379 -5.26 1.41 5.94
CA GLU B 379 -4.06 2.22 5.79
C GLU B 379 -2.85 1.41 5.32
N ARG B 380 -2.88 0.08 5.44
CA ARG B 380 -1.81 -0.74 4.89
C ARG B 380 -1.64 -0.51 3.39
N PHE B 381 -2.72 -0.17 2.69
CA PHE B 381 -2.69 -0.04 1.25
C PHE B 381 -2.66 1.42 0.83
N GLU B 382 -2.34 2.31 1.77
CA GLU B 382 -2.26 3.75 1.47
C GLU B 382 -1.29 4.02 0.33
N ASN B 383 -0.18 3.29 0.30
CA ASN B 383 0.81 3.43 -0.77
C ASN B 383 1.05 2.03 -1.33
N PRO B 384 0.58 1.73 -2.54
CA PRO B 384 0.76 0.39 -3.11
C PRO B 384 2.22 0.00 -3.28
N SER B 385 3.15 0.96 -3.19
CA SER B 385 4.57 0.66 -3.32
C SER B 385 5.08 -0.18 -2.16
N ALA B 386 4.42 -0.12 -1.02
CA ALA B 386 4.89 -0.81 0.17
C ALA B 386 4.63 -2.31 0.18
N ILE B 387 3.82 -2.82 -0.75
CA ILE B 387 3.44 -4.23 -0.71
C ILE B 387 4.50 -5.07 -1.41
N PRO B 388 5.10 -6.05 -0.75
CA PRO B 388 6.10 -6.90 -1.43
C PRO B 388 5.48 -7.69 -2.56
N GLN B 389 6.36 -8.18 -3.44
CA GLN B 389 5.91 -8.99 -4.57
C GLN B 389 5.32 -10.31 -4.09
N HIS B 390 4.13 -10.64 -4.60
CA HIS B 390 3.43 -11.89 -4.34
C HIS B 390 2.98 -12.03 -2.89
N ALA B 391 2.96 -10.93 -2.13
CA ALA B 391 2.38 -10.99 -0.79
C ALA B 391 0.86 -10.88 -0.81
N PHE B 392 0.31 -10.28 -1.85
CA PHE B 392 -1.11 -9.94 -1.93
C PHE B 392 -1.60 -10.47 -3.27
N LYS B 393 -2.34 -11.58 -3.26
CA LYS B 393 -2.76 -12.25 -4.49
C LYS B 393 -4.24 -12.62 -4.50
N PRO B 394 -5.14 -11.67 -4.22
CA PRO B 394 -6.57 -12.01 -4.27
C PRO B 394 -7.06 -12.34 -5.67
N PHE B 395 -6.32 -11.95 -6.71
CA PHE B 395 -6.72 -12.20 -8.09
C PHE B 395 -5.82 -13.22 -8.78
N GLY B 396 -5.11 -14.06 -8.01
CA GLY B 396 -4.33 -15.11 -8.64
C GLY B 396 -3.01 -14.59 -9.17
N ASN B 397 -2.48 -15.28 -10.18
CA ASN B 397 -1.09 -15.05 -10.55
C ASN B 397 -0.87 -15.08 -12.06
N GLY B 398 -0.06 -14.13 -12.53
CA GLY B 398 0.52 -14.18 -13.86
C GLY B 398 -0.53 -14.11 -14.96
N GLN B 399 -0.22 -14.80 -16.07
CA GLN B 399 -1.12 -14.80 -17.22
C GLN B 399 -2.43 -15.52 -16.91
N ARG B 400 -2.47 -16.32 -15.85
CA ARG B 400 -3.70 -16.96 -15.39
C ARG B 400 -4.34 -16.20 -14.23
N ALA B 401 -4.01 -14.92 -14.06
CA ALA B 401 -4.67 -14.11 -13.06
C ALA B 401 -6.07 -13.70 -13.52
N CYS B 402 -6.86 -13.20 -12.58
CA CYS B 402 -8.23 -12.83 -12.88
C CYS B 402 -8.29 -11.79 -13.99
N ILE B 403 -8.92 -12.15 -15.11
CA ILE B 403 -9.15 -11.19 -16.18
C ILE B 403 -10.19 -10.15 -15.79
N GLY B 404 -11.08 -10.47 -14.84
CA GLY B 404 -12.10 -9.54 -14.42
C GLY B 404 -11.73 -8.70 -13.21
N GLN B 405 -10.43 -8.56 -12.92
CA GLN B 405 -10.02 -7.78 -11.77
C GLN B 405 -10.47 -6.33 -11.86
N GLN B 406 -10.21 -5.67 -13.00
CA GLN B 406 -10.61 -4.27 -13.15
C GLN B 406 -12.12 -4.12 -13.09
N PHE B 407 -12.85 -5.05 -13.72
CA PHE B 407 -14.32 -5.06 -13.64
C PHE B 407 -14.77 -5.15 -12.19
N ALA B 408 -14.26 -6.16 -11.46
CA ALA B 408 -14.70 -6.40 -10.09
C ALA B 408 -14.42 -5.20 -9.19
N LEU B 409 -13.23 -4.62 -9.31
CA LEU B 409 -12.87 -3.51 -8.43
C LEU B 409 -13.63 -2.24 -8.80
N HIS B 410 -13.87 -2.01 -10.09
CA HIS B 410 -14.63 -0.83 -10.51
C HIS B 410 -16.08 -0.93 -10.04
N GLU B 411 -16.64 -2.10 -10.15
CA GLU B 411 -18.02 -2.37 -9.69
C GLU B 411 -18.13 -2.15 -8.16
N ALA B 412 -17.25 -2.79 -7.41
CA ALA B 412 -17.22 -2.74 -5.94
C ALA B 412 -16.97 -1.32 -5.44
N THR B 413 -16.06 -0.61 -6.10
CA THR B 413 -15.75 0.76 -5.69
C THR B 413 -16.98 1.62 -5.97
N LEU B 414 -17.56 1.49 -7.14
CA LEU B 414 -18.73 2.28 -7.48
C LEU B 414 -19.87 2.03 -6.49
N VAL B 415 -20.17 0.76 -6.22
CA VAL B 415 -21.34 0.44 -5.41
C VAL B 415 -21.10 0.82 -3.95
N LEU B 416 -19.93 0.48 -3.41
CA LEU B 416 -19.63 0.84 -2.03
C LEU B 416 -19.62 2.35 -1.85
N GLY B 417 -19.05 3.07 -2.82
CA GLY B 417 -19.07 4.52 -2.78
C GLY B 417 -20.48 5.09 -2.72
N MET B 418 -21.38 4.57 -3.56
CA MET B 418 -22.76 5.04 -3.52
C MET B 418 -23.45 4.66 -2.22
N MET B 419 -23.19 3.44 -1.71
CA MET B 419 -23.77 3.03 -0.45
C MET B 419 -23.35 3.97 0.67
N LEU B 420 -22.05 4.31 0.71
CA LEU B 420 -21.54 5.19 1.75
C LEU B 420 -22.00 6.62 1.56
N LYS B 421 -22.25 7.04 0.31
CA LYS B 421 -22.76 8.38 0.05
C LYS B 421 -24.20 8.53 0.53
N HIS B 422 -25.02 7.50 0.30
CA HIS B 422 -26.45 7.65 0.43
C HIS B 422 -26.99 7.20 1.79
N PHE B 423 -26.23 6.49 2.61
CA PHE B 423 -26.76 5.90 3.82
C PHE B 423 -25.76 5.90 4.96
N ASP B 424 -26.25 6.11 6.19
CA ASP B 424 -25.57 5.69 7.40
C ASP B 424 -26.03 4.27 7.73
N PHE B 425 -25.09 3.44 8.20
CA PHE B 425 -25.36 2.03 8.45
C PHE B 425 -25.26 1.69 9.93
N GLU B 426 -26.11 0.79 10.38
CA GLU B 426 -26.14 0.36 11.77
C GLU B 426 -26.05 -1.16 11.83
N ASP B 427 -25.11 -1.64 12.65
CA ASP B 427 -24.97 -3.07 12.94
C ASP B 427 -25.92 -3.41 14.09
N HIS B 428 -27.23 -3.39 13.74
CA HIS B 428 -28.26 -3.40 14.77
C HIS B 428 -28.34 -4.72 15.53
N THR B 429 -27.76 -5.81 15.02
CA THR B 429 -27.77 -7.08 15.72
C THR B 429 -26.44 -7.38 16.40
N ASN B 430 -25.48 -6.46 16.33
CA ASN B 430 -24.08 -6.78 16.67
C ASN B 430 -23.66 -8.09 16.01
N TYR B 431 -23.74 -8.09 14.68
CA TYR B 431 -23.60 -9.33 13.91
C TYR B 431 -22.29 -10.05 14.22
N GLU B 432 -22.39 -11.34 14.48
CA GLU B 432 -21.24 -12.20 14.72
C GLU B 432 -20.83 -12.87 13.42
N LEU B 433 -19.60 -12.62 12.97
CA LEU B 433 -19.13 -13.12 11.69
C LEU B 433 -19.25 -14.63 11.62
N ASP B 434 -19.90 -15.10 10.55
CA ASP B 434 -20.11 -16.51 10.30
C ASP B 434 -19.89 -16.70 8.81
N ILE B 435 -18.82 -17.37 8.42
CA ILE B 435 -18.40 -17.39 7.03
C ILE B 435 -18.92 -18.66 6.37
N LYS B 436 -19.88 -18.49 5.47
CA LYS B 436 -20.38 -19.59 4.66
C LYS B 436 -19.43 -19.85 3.50
N GLU B 437 -19.20 -21.13 3.22
CA GLU B 437 -18.28 -21.55 2.16
C GLU B 437 -19.06 -22.29 1.08
N THR B 438 -18.95 -21.80 -0.15
CA THR B 438 -19.42 -22.51 -1.34
C THR B 438 -18.18 -22.78 -2.17
N LEU B 439 -18.15 -22.34 -3.43
CA LEU B 439 -16.88 -22.18 -4.11
C LEU B 439 -16.17 -20.92 -3.63
N THR B 440 -16.91 -20.02 -3.00
CA THR B 440 -16.41 -18.75 -2.51
C THR B 440 -16.75 -18.60 -1.04
N LEU B 441 -16.46 -17.44 -0.47
CA LEU B 441 -16.69 -17.16 0.94
C LEU B 441 -17.62 -15.97 1.06
N LYS B 442 -18.52 -16.02 2.05
CA LYS B 442 -19.43 -14.92 2.32
C LYS B 442 -19.81 -14.88 3.79
N PRO B 443 -20.13 -13.71 4.33
CA PRO B 443 -20.61 -13.64 5.73
C PRO B 443 -22.09 -13.98 5.85
N GLU B 444 -22.39 -15.23 6.18
CA GLU B 444 -23.79 -15.66 6.17
C GLU B 444 -24.57 -14.96 7.28
N GLY B 445 -25.79 -14.50 6.92
CA GLY B 445 -26.67 -13.84 7.87
C GLY B 445 -26.31 -12.41 8.22
N PHE B 446 -25.35 -11.80 7.54
CA PHE B 446 -24.97 -10.43 7.81
C PHE B 446 -26.11 -9.50 7.43
N VAL B 447 -26.62 -8.77 8.41
CA VAL B 447 -27.76 -7.87 8.24
C VAL B 447 -27.40 -6.54 8.85
N VAL B 448 -27.93 -5.46 8.26
CA VAL B 448 -27.74 -4.11 8.76
C VAL B 448 -29.07 -3.35 8.63
N LYS B 449 -29.14 -2.22 9.32
CA LYS B 449 -30.16 -1.21 9.05
C LYS B 449 -29.48 -0.04 8.36
N ALA B 450 -30.17 0.53 7.37
CA ALA B 450 -29.67 1.72 6.70
C ALA B 450 -30.62 2.87 6.96
N LYS B 451 -30.07 4.01 7.38
CA LYS B 451 -30.82 5.25 7.50
C LYS B 451 -30.39 6.18 6.37
N SER B 452 -31.34 6.55 5.53
CA SER B 452 -31.02 7.36 4.35
C SER B 452 -30.51 8.73 4.75
N LYS B 453 -29.54 9.24 3.97
CA LYS B 453 -29.12 10.62 4.09
C LYS B 453 -29.94 11.55 3.21
N LYS B 454 -30.92 11.00 2.47
CA LYS B 454 -31.89 11.78 1.68
C LYS B 454 -31.23 12.60 0.58
N ILE B 455 -30.22 12.03 -0.06
CA ILE B 455 -29.53 12.66 -1.18
C ILE B 455 -30.13 12.10 -2.47
N PRO B 456 -30.69 12.94 -3.35
CA PRO B 456 -31.38 12.40 -4.53
C PRO B 456 -30.42 11.83 -5.55
N LEU B 457 -30.97 10.98 -6.42
CA LEU B 457 -30.20 10.34 -7.48
C LEU B 457 -30.36 11.08 -8.79
N TYR C 2 11.99 24.62 2.02
CA TYR C 2 10.88 25.51 2.20
C TYR C 2 10.51 26.38 1.01
N TYR C 3 11.39 26.40 -0.08
CA TYR C 3 11.18 27.19 -1.23
C TYR C 3 12.03 26.65 -2.38
N TYR D 2 -10.88 -24.62 -3.03
CA TYR D 2 -9.94 -25.04 -2.04
C TYR D 2 -9.29 -26.38 -2.29
N TYR D 3 -9.78 -27.22 -3.27
CA TYR D 3 -9.23 -28.52 -3.52
C TYR D 3 -9.62 -29.01 -4.91
#